data_6OSA
#
_entry.id   6OSA
#
_cell.length_a   1.00
_cell.length_b   1.00
_cell.length_c   1.00
_cell.angle_alpha   90.00
_cell.angle_beta   90.00
_cell.angle_gamma   90.00
#
_symmetry.space_group_name_H-M   'P 1'
#
loop_
_entity.id
_entity.type
_entity.pdbx_description
1 polymer 'Neurotensin receptor type 1'
2 polymer JMV449
3 polymer 'Guanine nucleotide-binding protein G(i) subunit alpha-1'
4 polymer 'Guanine nucleotide-binding protein G(I)/G(S)/G(T) subunit beta-1'
5 polymer 'Guanine nucleotide-binding protein G(I)/G(S)/G(O) subunit gamma-2'
#
loop_
_entity_poly.entity_id
_entity_poly.type
_entity_poly.pdbx_seq_one_letter_code
_entity_poly.pdbx_strand_id
1 'polypeptide(L)'
;DYKDDDDAMGQPGNGSAFLLAPNRSHAPDHDVENLYFQGQRAQAGLEEALLAPGFGNASGNASERVLAAPSSELDVNTDI
YSKVLVTAVYLALFVVGTVGNTVTLFTLARKKSLQSLQSTVHYHLGSLALSDLLTLLLAMPVELYNFIWVHHPWAFGDAG
CRGYYFLRDACTYATALNVASLSVERYLAICHPFKAKTLMSRSRTKKFISAIWLASALLAVPMLFTMGEQNRSADGQHAG
GLVCTPTIHTATVKVVIQVNTFMSFIFPMVVISVLNTIIANKLTVMVRQAAEQGQVCTVGGPGRVQALRHGVRVLRAVVI
AFVVCWLPYHVRRLMFCYISDEQWTPFLYDFYHYFYMVTNALFYVSSTINPILYNLVSANFRHIFLATLACLCPVWRRRR
KRPAFSRKADSVSSNHTLSSNATRETLYLEVLFQG
;
R
2 'polypeptide(L)' KKPYIL L
3 'polypeptide(L)'
;MGCTLSAEDKAAVERSKMIDRNLREDGEKAAREVKLLLLGAGESGKSTIVKQMKIIHEAGYSEEECKQYKAVVYSNTIQS
IIAIIRAMGRLKIDFGDSARADDARQLFVLAGAAEEGFMTAELAGVIKRLWKDSGVQACFNRSREYQLNDSAAYYLNDLD
RIAQPNYIPTQQDVLRTRVKTTGIVETHFTFKDLHFKMFDVGGQRSERKKWIHCFEGVTAIIFCVALSDYDLVLAEDEEM
NRMHESMKLFDSICNNKWFTDTSIILFLNKKDLFEEKIKKSPLTICYPEYAGSNTYEEAAAYIQCQFEDLNKRKDTKEIY
THFTCATDTKNVQFVFDAVTDVIIKNNLKDCGLF
;
A
4 'polypeptide(L)'
;PGSSGSELDQLRQEAEQLKNQIRDARKACADATLSQITNNIDPVGRIQMRTRRTLRGHLAKIYAMHWGTDSRLLVSASQD
GKLIIWDSYTTNKVHAIPLRSSWVMTCAYAPSGNYVACGGLDNICSIYNLKTREGNVRVSRELAGHTGYLSCCRFLDDNQ
IVTSSGDTTCALWDIETGQQTTTFTGHTGDVMSLSLAPDTRLFVSGACDASAKLWDVREGMCRQTFTGHESDINAICFFP
NGNAFATGSDDATCRLFDLRADQELMTYSHDNIICGITSVSFSKSGRLLLAGYDDFNCNVWDALKADRAGVLAGHDNRVS
CLGVTDDGMAVATGSWDSFLKIWN
;
B
5 'polypeptide(L)' MASNNTASIAQARKLVEQLKMEANIDRIKVSKAAADLMAYCEAHAKEDPLLTPVPASENPFREKKFFCAIL C
#
# COMPACT_ATOMS: atom_id res chain seq x y z
N PRO A 70 -44.28 4.56 -49.08
CA PRO A 70 -43.41 5.03 -50.16
C PRO A 70 -41.97 4.64 -49.92
N SER A 71 -41.57 4.62 -48.66
CA SER A 71 -40.25 4.15 -48.24
C SER A 71 -40.29 2.72 -47.74
N SER A 72 -41.25 1.93 -48.24
CA SER A 72 -41.47 0.58 -47.72
C SER A 72 -40.38 -0.38 -48.19
N GLU A 73 -39.65 -0.01 -49.25
CA GLU A 73 -38.53 -0.84 -49.68
C GLU A 73 -37.35 -0.73 -48.71
N LEU A 74 -37.25 0.39 -48.01
CA LEU A 74 -36.15 0.55 -47.05
C LEU A 74 -36.43 -0.22 -45.76
N ASP A 75 -37.66 -0.66 -45.55
CA ASP A 75 -38.03 -1.37 -44.34
C ASP A 75 -37.38 -2.75 -44.28
N VAL A 76 -37.00 -3.16 -43.08
CA VAL A 76 -36.58 -4.53 -42.80
C VAL A 76 -37.77 -5.26 -42.21
N ASN A 77 -38.14 -6.37 -42.82
CA ASN A 77 -39.31 -7.12 -42.41
C ASN A 77 -38.87 -8.45 -41.82
N THR A 78 -39.04 -8.59 -40.50
CA THR A 78 -38.75 -9.81 -39.77
C THR A 78 -39.94 -10.16 -38.89
N ASP A 79 -39.91 -11.38 -38.35
CA ASP A 79 -40.96 -11.83 -37.46
C ASP A 79 -40.88 -11.10 -36.13
N ILE A 80 -42.00 -10.53 -35.69
CA ILE A 80 -41.98 -9.59 -34.56
C ILE A 80 -41.77 -10.33 -33.24
N TYR A 81 -42.11 -11.63 -33.20
CA TYR A 81 -41.90 -12.39 -31.98
C TYR A 81 -40.42 -12.67 -31.75
N SER A 82 -39.65 -12.75 -32.83
CA SER A 82 -38.20 -12.82 -32.69
C SER A 82 -37.64 -11.51 -32.15
N LYS A 83 -38.26 -10.37 -32.52
CA LYS A 83 -37.87 -9.09 -31.96
C LYS A 83 -38.18 -9.02 -30.46
N VAL A 84 -39.32 -9.58 -30.05
CA VAL A 84 -39.67 -9.60 -28.63
C VAL A 84 -38.71 -10.49 -27.85
N LEU A 85 -38.36 -11.66 -28.41
CA LEU A 85 -37.38 -12.54 -27.78
C LEU A 85 -36.02 -11.89 -27.62
N VAL A 86 -35.53 -11.25 -28.69
CA VAL A 86 -34.20 -10.65 -28.64
C VAL A 86 -34.20 -9.42 -27.74
N THR A 87 -35.35 -8.74 -27.64
CA THR A 87 -35.47 -7.64 -26.67
C THR A 87 -35.41 -8.15 -25.24
N ALA A 88 -36.06 -9.27 -24.95
CA ALA A 88 -36.02 -9.82 -23.59
C ALA A 88 -34.63 -10.33 -23.24
N VAL A 89 -33.94 -10.97 -24.20
CA VAL A 89 -32.56 -11.42 -24.00
C VAL A 89 -31.64 -10.22 -23.77
N TYR A 90 -31.88 -9.11 -24.47
CA TYR A 90 -31.02 -7.95 -24.30
C TYR A 90 -31.27 -7.28 -22.96
N LEU A 91 -32.52 -7.25 -22.49
CA LEU A 91 -32.80 -6.71 -21.17
C LEU A 91 -32.19 -7.57 -20.07
N ALA A 92 -32.22 -8.89 -20.24
CA ALA A 92 -31.61 -9.79 -19.27
C ALA A 92 -30.09 -9.61 -19.23
N LEU A 93 -29.46 -9.53 -20.41
CA LEU A 93 -28.02 -9.29 -20.47
C LEU A 93 -27.66 -7.93 -19.91
N PHE A 94 -28.53 -6.94 -20.08
CA PHE A 94 -28.27 -5.61 -19.57
C PHE A 94 -28.27 -5.58 -18.05
N VAL A 95 -29.30 -6.17 -17.43
CA VAL A 95 -29.39 -6.12 -15.97
C VAL A 95 -28.29 -6.98 -15.34
N VAL A 96 -28.00 -8.15 -15.92
CA VAL A 96 -26.96 -9.01 -15.36
C VAL A 96 -25.58 -8.38 -15.51
N GLY A 97 -25.31 -7.77 -16.66
CA GLY A 97 -24.00 -7.20 -16.90
C GLY A 97 -23.75 -5.94 -16.10
N THR A 98 -24.76 -5.07 -15.99
CA THR A 98 -24.59 -3.85 -15.19
C THR A 98 -24.46 -4.17 -13.71
N VAL A 99 -25.26 -5.11 -13.20
CA VAL A 99 -25.14 -5.54 -11.80
C VAL A 99 -23.77 -6.15 -11.55
N GLY A 100 -23.34 -7.06 -12.42
CA GLY A 100 -22.06 -7.73 -12.23
C GLY A 100 -20.87 -6.79 -12.28
N ASN A 101 -20.86 -5.86 -13.24
CA ASN A 101 -19.70 -5.01 -13.39
C ASN A 101 -19.67 -3.88 -12.36
N THR A 102 -20.84 -3.36 -11.95
CA THR A 102 -20.83 -2.36 -10.87
C THR A 102 -20.41 -2.97 -9.54
N VAL A 103 -20.94 -4.15 -9.19
CA VAL A 103 -20.57 -4.74 -7.90
C VAL A 103 -19.14 -5.29 -7.96
N THR A 104 -18.65 -5.63 -9.17
CA THR A 104 -17.24 -5.97 -9.33
C THR A 104 -16.35 -4.76 -9.07
N LEU A 105 -16.75 -3.58 -9.57
CA LEU A 105 -15.98 -2.37 -9.30
C LEU A 105 -15.99 -2.02 -7.81
N PHE A 106 -17.13 -2.20 -7.13
CA PHE A 106 -17.15 -1.93 -5.69
C PHE A 106 -16.31 -2.93 -4.92
N THR A 107 -16.34 -4.20 -5.30
CA THR A 107 -15.56 -5.22 -4.60
C THR A 107 -14.07 -4.99 -4.79
N LEU A 108 -13.66 -4.56 -5.98
CA LEU A 108 -12.25 -4.25 -6.21
C LEU A 108 -11.87 -2.93 -5.55
N ALA A 109 -12.86 -2.07 -5.27
CA ALA A 109 -12.57 -0.88 -4.51
C ALA A 109 -12.40 -1.18 -3.02
N ARG A 110 -13.08 -2.22 -2.51
CA ARG A 110 -13.01 -2.52 -1.08
C ARG A 110 -11.66 -3.11 -0.69
N LYS A 111 -10.99 -3.79 -1.61
CA LYS A 111 -9.73 -4.44 -1.29
C LYS A 111 -8.62 -3.42 -1.11
N LYS A 112 -8.00 -3.45 0.08
CA LYS A 112 -7.12 -2.37 0.54
C LYS A 112 -5.91 -2.87 1.32
N SER A 113 -5.75 -4.16 1.48
CA SER A 113 -4.76 -4.72 2.39
C SER A 113 -3.54 -5.21 1.63
N LEU A 114 -2.40 -4.55 1.86
CA LEU A 114 -1.12 -4.82 1.19
C LEU A 114 -1.25 -4.75 -0.32
N GLN A 115 -1.40 -3.54 -0.84
CA GLN A 115 -1.37 -3.33 -2.28
C GLN A 115 0.09 -3.19 -2.71
N SER A 116 0.66 -4.26 -3.24
CA SER A 116 2.00 -4.13 -3.80
C SER A 116 2.03 -4.44 -5.29
N LEU A 117 1.64 -5.65 -5.65
CA LEU A 117 1.69 -6.07 -7.05
C LEU A 117 0.37 -6.68 -7.49
N GLN A 118 -0.46 -7.10 -6.53
CA GLN A 118 -1.80 -7.53 -6.91
C GLN A 118 -2.70 -6.34 -7.22
N SER A 119 -2.33 -5.15 -6.76
CA SER A 119 -3.06 -3.94 -7.12
C SER A 119 -2.99 -3.66 -8.62
N THR A 120 -1.90 -4.13 -9.26
CA THR A 120 -1.80 -4.08 -10.71
C THR A 120 -2.92 -4.86 -11.38
N VAL A 121 -3.09 -6.12 -10.98
CA VAL A 121 -4.08 -6.97 -11.62
C VAL A 121 -5.48 -6.54 -11.22
N HIS A 122 -5.63 -5.98 -10.01
CA HIS A 122 -6.95 -5.52 -9.63
C HIS A 122 -7.31 -4.22 -10.34
N TYR A 123 -6.32 -3.43 -10.73
CA TYR A 123 -6.61 -2.29 -11.60
C TYR A 123 -6.95 -2.74 -13.01
N HIS A 124 -6.31 -3.80 -13.51
CA HIS A 124 -6.69 -4.35 -14.82
C HIS A 124 -8.12 -4.90 -14.80
N LEU A 125 -8.49 -5.61 -13.73
CA LEU A 125 -9.85 -6.12 -13.60
C LEU A 125 -10.86 -4.99 -13.46
N GLY A 126 -10.46 -3.91 -12.79
CA GLY A 126 -11.33 -2.75 -12.69
C GLY A 126 -11.51 -2.05 -14.02
N SER A 127 -10.44 -1.96 -14.80
CA SER A 127 -10.52 -1.38 -16.14
C SER A 127 -11.39 -2.22 -17.06
N LEU A 128 -11.28 -3.55 -16.96
CA LEU A 128 -12.07 -4.43 -17.79
C LEU A 128 -13.54 -4.38 -17.42
N ALA A 129 -13.85 -4.34 -16.12
CA ALA A 129 -15.24 -4.25 -15.70
C ALA A 129 -15.82 -2.88 -16.06
N LEU A 130 -15.00 -1.84 -16.01
CA LEU A 130 -15.47 -0.53 -16.42
C LEU A 130 -15.74 -0.46 -17.91
N SER A 131 -14.89 -1.11 -18.71
CA SER A 131 -15.09 -1.10 -20.15
C SER A 131 -16.33 -1.90 -20.55
N ASP A 132 -16.59 -3.03 -19.87
CA ASP A 132 -17.81 -3.78 -20.13
C ASP A 132 -19.05 -3.01 -19.71
N LEU A 133 -18.96 -2.30 -18.57
CA LEU A 133 -20.08 -1.45 -18.14
C LEU A 133 -20.32 -0.32 -19.13
N LEU A 134 -19.25 0.21 -19.73
CA LEU A 134 -19.42 1.30 -20.69
C LEU A 134 -20.01 0.80 -22.00
N THR A 135 -19.60 -0.41 -22.46
CA THR A 135 -20.26 -1.04 -23.60
C THR A 135 -21.75 -1.15 -23.37
N LEU A 136 -22.15 -1.67 -22.21
CA LEU A 136 -23.56 -1.85 -21.92
C LEU A 136 -24.32 -0.53 -21.83
N LEU A 137 -23.82 0.41 -21.02
CA LEU A 137 -24.56 1.64 -20.78
C LEU A 137 -24.58 2.55 -22.01
N LEU A 138 -23.47 2.64 -22.74
CA LEU A 138 -23.44 3.53 -23.89
C LEU A 138 -24.12 2.90 -25.10
N ALA A 139 -24.13 1.56 -25.19
CA ALA A 139 -24.58 0.93 -26.41
C ALA A 139 -26.05 0.53 -26.33
N MET A 140 -26.45 -0.15 -25.24
CA MET A 140 -27.70 -0.90 -25.19
C MET A 140 -28.98 -0.14 -25.51
N PRO A 141 -29.29 1.08 -24.89
CA PRO A 141 -30.59 1.69 -25.18
C PRO A 141 -30.73 2.17 -26.62
N VAL A 142 -29.69 2.80 -27.13
CA VAL A 142 -29.74 3.38 -28.47
C VAL A 142 -29.80 2.29 -29.53
N GLU A 143 -28.89 1.30 -29.46
CA GLU A 143 -28.85 0.27 -30.49
C GLU A 143 -30.08 -0.63 -30.39
N LEU A 144 -30.55 -0.87 -29.15
CA LEU A 144 -31.79 -1.61 -28.94
C LEU A 144 -32.94 -0.93 -29.65
N TYR A 145 -33.18 0.35 -29.32
CA TYR A 145 -34.29 1.09 -29.90
C TYR A 145 -34.20 1.20 -31.41
N ASN A 146 -33.22 1.93 -31.93
CA ASN A 146 -33.27 2.22 -33.35
C ASN A 146 -32.38 1.34 -34.21
N PHE A 147 -32.00 0.15 -33.74
CA PHE A 147 -31.48 -0.91 -34.58
C PHE A 147 -32.29 -2.19 -34.48
N ILE A 148 -33.16 -2.30 -33.47
CA ILE A 148 -34.00 -3.48 -33.32
C ILE A 148 -35.46 -3.19 -33.56
N TRP A 149 -35.98 -2.05 -33.11
CA TRP A 149 -37.39 -1.76 -33.28
C TRP A 149 -37.65 -0.81 -34.43
N VAL A 150 -37.12 0.40 -34.38
CA VAL A 150 -37.34 1.35 -35.47
C VAL A 150 -36.01 1.83 -36.02
N HIS A 151 -35.48 1.06 -36.97
CA HIS A 151 -34.27 1.45 -37.69
C HIS A 151 -34.58 2.47 -38.76
N HIS A 152 -35.85 2.63 -39.10
CA HIS A 152 -36.22 3.44 -40.24
C HIS A 152 -36.08 4.95 -40.00
N PRO A 153 -36.65 5.58 -38.95
CA PRO A 153 -36.55 7.05 -38.92
C PRO A 153 -35.22 7.57 -38.41
N TRP A 154 -34.50 6.79 -37.58
CA TRP A 154 -33.29 7.24 -36.86
C TRP A 154 -33.59 8.52 -36.08
N ALA A 155 -34.35 8.37 -35.00
CA ALA A 155 -34.84 9.51 -34.23
C ALA A 155 -33.73 10.23 -33.46
N PHE A 156 -32.50 9.73 -33.48
CA PHE A 156 -31.46 10.31 -32.63
C PHE A 156 -30.86 11.55 -33.27
N GLY A 157 -30.43 11.46 -34.53
CA GLY A 157 -30.03 12.68 -35.22
C GLY A 157 -28.65 12.81 -35.84
N ASP A 158 -28.30 14.06 -36.16
CA ASP A 158 -27.27 14.48 -37.12
C ASP A 158 -25.88 13.99 -36.71
N ALA A 159 -25.29 14.51 -35.64
CA ALA A 159 -23.93 14.10 -35.27
C ALA A 159 -23.94 12.93 -34.31
N GLY A 160 -25.13 12.57 -33.82
CA GLY A 160 -25.22 11.46 -32.88
C GLY A 160 -24.91 10.13 -33.52
N CYS A 161 -25.08 10.03 -34.84
CA CYS A 161 -24.69 8.84 -35.59
C CYS A 161 -23.19 8.55 -35.45
N ARG A 162 -22.36 9.53 -35.82
CA ARG A 162 -20.93 9.31 -35.78
C ARG A 162 -20.41 9.33 -34.35
N GLY A 163 -21.05 10.10 -33.46
CA GLY A 163 -20.66 10.04 -32.06
C GLY A 163 -20.98 8.70 -31.43
N TYR A 164 -22.08 8.08 -31.86
CA TYR A 164 -22.48 6.79 -31.32
C TYR A 164 -21.56 5.68 -31.82
N TYR A 165 -21.15 5.75 -33.08
CA TYR A 165 -20.19 4.76 -33.55
C TYR A 165 -18.81 4.97 -32.93
N PHE A 166 -18.46 6.22 -32.64
CA PHE A 166 -17.21 6.48 -31.92
C PHE A 166 -17.24 5.88 -30.53
N LEU A 167 -18.36 6.03 -29.82
CA LEU A 167 -18.47 5.46 -28.48
C LEU A 167 -18.46 3.94 -28.50
N ARG A 168 -19.25 3.31 -29.39
CA ARG A 168 -19.28 1.84 -29.43
C ARG A 168 -17.95 1.24 -29.83
N ASP A 169 -17.26 1.85 -30.79
CA ASP A 169 -16.01 1.24 -31.25
C ASP A 169 -14.86 1.53 -30.29
N ALA A 170 -14.89 2.69 -29.61
CA ALA A 170 -13.91 2.92 -28.55
C ALA A 170 -14.11 1.95 -27.41
N CYS A 171 -15.36 1.62 -27.08
CA CYS A 171 -15.61 0.66 -26.02
C CYS A 171 -15.23 -0.76 -26.42
N THR A 172 -15.43 -1.11 -27.70
CA THR A 172 -15.01 -2.41 -28.19
C THR A 172 -13.49 -2.56 -28.16
N TYR A 173 -12.76 -1.53 -28.58
CA TYR A 173 -11.30 -1.56 -28.46
C TYR A 173 -10.84 -1.58 -27.02
N ALA A 174 -11.58 -0.90 -26.12
CA ALA A 174 -11.22 -0.90 -24.71
C ALA A 174 -11.34 -2.30 -24.12
N THR A 175 -12.42 -3.01 -24.43
CA THR A 175 -12.58 -4.37 -23.91
C THR A 175 -11.56 -5.32 -24.53
N ALA A 176 -11.28 -5.18 -25.83
CA ALA A 176 -10.30 -6.03 -26.50
C ALA A 176 -8.91 -5.84 -25.92
N LEU A 177 -8.49 -4.60 -25.74
CA LEU A 177 -7.15 -4.35 -25.24
C LEU A 177 -7.06 -4.59 -23.74
N ASN A 178 -8.18 -4.50 -23.00
CA ASN A 178 -8.14 -4.85 -21.60
C ASN A 178 -7.98 -6.35 -21.39
N VAL A 179 -8.68 -7.16 -22.18
CA VAL A 179 -8.49 -8.61 -22.04
C VAL A 179 -7.09 -9.02 -22.50
N ALA A 180 -6.58 -8.35 -23.54
CA ALA A 180 -5.22 -8.61 -23.99
C ALA A 180 -4.17 -8.21 -22.95
N SER A 181 -4.34 -7.02 -22.35
CA SER A 181 -3.40 -6.54 -21.35
C SER A 181 -3.47 -7.37 -20.09
N LEU A 182 -4.66 -7.86 -19.74
CA LEU A 182 -4.80 -8.73 -18.59
C LEU A 182 -4.10 -10.06 -18.82
N SER A 183 -4.13 -10.56 -20.06
CA SER A 183 -3.37 -11.76 -20.36
C SER A 183 -1.87 -11.50 -20.29
N VAL A 184 -1.43 -10.31 -20.72
CA VAL A 184 -0.02 -9.93 -20.62
C VAL A 184 0.43 -9.90 -19.16
N GLU A 185 -0.40 -9.32 -18.29
CA GLU A 185 -0.05 -9.19 -16.89
C GLU A 185 -0.06 -10.54 -16.18
N ARG A 186 -1.00 -11.42 -16.55
CA ARG A 186 -0.98 -12.78 -16.00
C ARG A 186 0.25 -13.54 -16.46
N TYR A 187 0.72 -13.26 -17.68
CA TYR A 187 1.95 -13.89 -18.15
C TYR A 187 3.17 -13.41 -17.37
N LEU A 188 3.25 -12.10 -17.13
CA LEU A 188 4.35 -11.55 -16.35
C LEU A 188 4.33 -12.03 -14.91
N ALA A 189 3.14 -12.26 -14.35
CA ALA A 189 3.08 -12.64 -12.95
C ALA A 189 3.38 -14.13 -12.77
N ILE A 190 2.93 -14.99 -13.69
CA ILE A 190 3.14 -16.41 -13.46
C ILE A 190 4.48 -16.87 -14.03
N CYS A 191 4.76 -16.56 -15.30
CA CYS A 191 5.89 -17.23 -15.94
C CYS A 191 7.22 -16.58 -15.57
N HIS A 192 7.25 -15.27 -15.38
CA HIS A 192 8.45 -14.56 -14.95
C HIS A 192 8.18 -13.84 -13.63
N PRO A 193 8.04 -14.59 -12.53
CA PRO A 193 7.39 -14.02 -11.35
C PRO A 193 8.25 -13.05 -10.56
N PHE A 194 9.56 -13.27 -10.52
CA PHE A 194 10.41 -12.42 -9.68
C PHE A 194 10.65 -11.07 -10.34
N LYS A 195 10.62 -11.03 -11.67
CA LYS A 195 10.88 -9.77 -12.37
C LYS A 195 9.67 -8.86 -12.35
N ALA A 196 8.47 -9.43 -12.12
CA ALA A 196 7.25 -8.64 -12.16
C ALA A 196 7.16 -7.71 -10.96
N LYS A 197 7.81 -8.06 -9.86
CA LYS A 197 7.78 -7.20 -8.69
C LYS A 197 8.75 -6.02 -8.86
N THR A 198 9.96 -6.29 -9.32
CA THR A 198 10.97 -5.25 -9.42
C THR A 198 10.73 -4.33 -10.62
N LEU A 199 10.21 -4.89 -11.72
CA LEU A 199 10.04 -4.09 -12.93
C LEU A 199 8.75 -3.29 -12.91
N MET A 200 7.61 -3.95 -12.75
CA MET A 200 6.31 -3.31 -12.89
C MET A 200 5.90 -2.67 -11.57
N SER A 201 5.34 -1.47 -11.67
CA SER A 201 4.91 -0.70 -10.51
C SER A 201 3.48 -0.26 -10.70
N ARG A 202 2.91 0.30 -9.64
CA ARG A 202 1.55 0.83 -9.70
C ARG A 202 1.48 2.07 -10.58
N SER A 203 2.55 2.86 -10.60
CA SER A 203 2.65 3.96 -11.55
C SER A 203 2.77 3.42 -12.97
N ARG A 204 3.55 2.35 -13.16
CA ARG A 204 3.68 1.72 -14.46
C ARG A 204 2.34 1.13 -14.91
N THR A 205 1.61 0.53 -13.98
CA THR A 205 0.32 -0.06 -14.30
C THR A 205 -0.72 1.01 -14.63
N LYS A 206 -0.72 2.12 -13.90
CA LYS A 206 -1.66 3.19 -14.20
C LYS A 206 -1.33 3.87 -15.52
N LYS A 207 -0.03 3.99 -15.83
CA LYS A 207 0.40 4.46 -17.14
C LYS A 207 -0.07 3.53 -18.24
N PHE A 208 0.06 2.22 -18.03
CA PHE A 208 -0.26 1.24 -19.05
C PHE A 208 -1.77 1.15 -19.29
N ILE A 209 -2.54 1.29 -18.22
CA ILE A 209 -4.00 1.23 -18.34
C ILE A 209 -4.55 2.50 -18.98
N SER A 210 -4.01 3.66 -18.61
CA SER A 210 -4.45 4.88 -19.26
C SER A 210 -3.96 4.94 -20.71
N ALA A 211 -2.84 4.28 -20.99
CA ALA A 211 -2.35 4.19 -22.37
C ALA A 211 -3.25 3.33 -23.24
N ILE A 212 -3.71 2.19 -22.73
CA ILE A 212 -4.57 1.34 -23.56
C ILE A 212 -5.97 1.93 -23.70
N TRP A 213 -6.44 2.65 -22.67
CA TRP A 213 -7.68 3.41 -22.84
C TRP A 213 -7.52 4.55 -23.85
N LEU A 214 -6.36 5.21 -23.86
CA LEU A 214 -6.13 6.28 -24.83
C LEU A 214 -6.01 5.74 -26.24
N ALA A 215 -5.36 4.58 -26.40
CA ALA A 215 -5.26 3.96 -27.72
C ALA A 215 -6.61 3.49 -28.21
N SER A 216 -7.45 2.98 -27.29
CA SER A 216 -8.81 2.60 -27.65
C SER A 216 -9.64 3.83 -28.03
N ALA A 217 -9.32 4.98 -27.44
CA ALA A 217 -10.01 6.20 -27.83
C ALA A 217 -9.60 6.66 -29.21
N LEU A 218 -8.30 6.61 -29.52
CA LEU A 218 -7.83 7.19 -30.77
C LEU A 218 -7.98 6.23 -31.95
N LEU A 219 -8.21 4.95 -31.71
CA LEU A 219 -8.47 4.05 -32.82
C LEU A 219 -9.89 4.19 -33.36
N ALA A 220 -10.79 4.74 -32.56
CA ALA A 220 -12.19 4.78 -32.97
C ALA A 220 -12.53 6.00 -33.81
N VAL A 221 -11.58 6.90 -34.02
CA VAL A 221 -11.78 8.12 -34.79
C VAL A 221 -12.07 7.87 -36.29
N PRO A 222 -11.49 6.86 -36.98
CA PRO A 222 -12.00 6.56 -38.33
C PRO A 222 -13.46 6.17 -38.39
N MET A 223 -13.99 5.56 -37.33
CA MET A 223 -15.42 5.29 -37.30
C MET A 223 -16.21 6.56 -37.00
N LEU A 224 -15.53 7.60 -36.53
CA LEU A 224 -16.19 8.90 -36.42
C LEU A 224 -16.21 9.60 -37.78
N PHE A 225 -15.18 9.40 -38.60
CA PHE A 225 -15.21 10.05 -39.91
C PHE A 225 -16.11 9.31 -40.90
N THR A 226 -16.09 7.97 -40.88
CA THR A 226 -16.75 7.22 -41.94
C THR A 226 -18.27 7.14 -41.75
N MET A 227 -18.73 7.23 -40.51
CA MET A 227 -20.16 7.13 -40.23
C MET A 227 -20.79 8.51 -40.27
N GLY A 228 -22.03 8.58 -40.74
CA GLY A 228 -22.77 9.82 -40.78
C GLY A 228 -24.18 9.58 -41.27
N GLU A 229 -25.02 10.60 -41.08
CA GLU A 229 -26.40 10.48 -41.49
C GLU A 229 -26.52 10.70 -42.99
N GLN A 230 -27.39 9.92 -43.62
CA GLN A 230 -27.79 10.16 -45.00
C GLN A 230 -29.29 10.01 -45.12
N ASN A 231 -29.83 10.43 -46.26
CA ASN A 231 -31.26 10.35 -46.53
C ASN A 231 -31.48 9.40 -47.71
N ARG A 232 -31.70 8.13 -47.42
CA ARG A 232 -31.84 7.11 -48.44
C ARG A 232 -33.25 6.89 -48.93
N SER A 233 -34.15 7.85 -48.72
CA SER A 233 -35.45 7.78 -49.35
C SER A 233 -35.32 8.00 -50.86
N ALA A 234 -36.34 7.54 -51.59
CA ALA A 234 -36.40 7.83 -53.02
C ALA A 234 -36.58 9.32 -53.26
N ASP A 235 -37.32 9.99 -52.37
CA ASP A 235 -37.42 11.43 -52.42
C ASP A 235 -36.24 12.08 -51.72
N GLY A 236 -36.09 13.39 -51.91
CA GLY A 236 -34.96 14.08 -51.33
C GLY A 236 -35.10 14.29 -49.83
N GLN A 237 -36.26 14.74 -49.40
CA GLN A 237 -36.53 14.98 -47.99
C GLN A 237 -37.76 14.20 -47.57
N HIS A 238 -37.64 13.51 -46.45
CA HIS A 238 -38.69 12.65 -45.92
C HIS A 238 -38.36 12.39 -44.46
N ALA A 239 -39.39 12.30 -43.63
CA ALA A 239 -39.17 12.12 -42.19
C ALA A 239 -38.59 10.74 -41.90
N GLY A 240 -39.16 9.70 -42.49
CA GLY A 240 -38.66 8.36 -42.25
C GLY A 240 -37.45 8.00 -43.08
N GLY A 241 -37.02 8.91 -43.96
CA GLY A 241 -35.92 8.57 -44.84
C GLY A 241 -34.58 8.54 -44.15
N LEU A 242 -34.47 9.22 -43.00
CA LEU A 242 -33.17 9.47 -42.40
C LEU A 242 -32.60 8.22 -41.76
N VAL A 243 -31.38 7.84 -42.16
CA VAL A 243 -30.74 6.62 -41.70
C VAL A 243 -29.33 6.96 -41.24
N CYS A 244 -28.66 5.98 -40.65
CA CYS A 244 -27.33 6.17 -40.07
C CYS A 244 -26.39 5.09 -40.61
N THR A 245 -25.63 5.44 -41.64
CA THR A 245 -24.93 4.48 -42.48
C THR A 245 -23.48 4.93 -42.63
N PRO A 246 -22.63 4.15 -43.31
CA PRO A 246 -21.38 4.73 -43.83
C PRO A 246 -21.68 5.75 -44.92
N THR A 247 -20.83 6.78 -45.00
CA THR A 247 -20.99 7.85 -45.99
C THR A 247 -19.83 7.93 -46.97
N ILE A 248 -18.64 7.50 -46.57
CA ILE A 248 -17.48 7.61 -47.43
C ILE A 248 -17.51 6.48 -48.47
N HIS A 249 -16.62 6.57 -49.46
CA HIS A 249 -16.57 5.64 -50.58
C HIS A 249 -16.30 4.21 -50.11
N THR A 250 -16.80 3.25 -50.89
CA THR A 250 -16.88 1.85 -50.48
C THR A 250 -15.49 1.24 -50.27
N ALA A 251 -14.50 1.67 -51.06
CA ALA A 251 -13.14 1.20 -50.83
C ALA A 251 -12.57 1.75 -49.53
N THR A 252 -12.91 3.01 -49.21
CA THR A 252 -12.39 3.62 -47.99
C THR A 252 -13.01 3.00 -46.75
N VAL A 253 -14.34 2.81 -46.75
CA VAL A 253 -15.00 2.17 -45.61
C VAL A 253 -14.62 0.70 -45.54
N LYS A 254 -14.26 0.11 -46.69
CA LYS A 254 -13.72 -1.24 -46.69
C LYS A 254 -12.36 -1.30 -45.98
N VAL A 255 -11.51 -0.30 -46.23
CA VAL A 255 -10.22 -0.24 -45.54
C VAL A 255 -10.41 -0.02 -44.05
N VAL A 256 -11.36 0.83 -43.67
CA VAL A 256 -11.60 1.12 -42.26
C VAL A 256 -12.13 -0.11 -41.53
N ILE A 257 -13.05 -0.84 -42.16
CA ILE A 257 -13.61 -2.04 -41.53
C ILE A 257 -12.59 -3.17 -41.51
N GLN A 258 -11.71 -3.25 -42.51
CA GLN A 258 -10.65 -4.25 -42.49
C GLN A 258 -9.65 -3.98 -41.39
N VAL A 259 -9.27 -2.71 -41.19
CA VAL A 259 -8.31 -2.38 -40.14
C VAL A 259 -8.94 -2.57 -38.77
N ASN A 260 -10.21 -2.19 -38.61
CA ASN A 260 -10.93 -2.41 -37.36
C ASN A 260 -11.04 -3.90 -37.03
N THR A 261 -11.42 -4.71 -38.02
CA THR A 261 -11.57 -6.14 -37.81
C THR A 261 -10.22 -6.79 -37.51
N PHE A 262 -9.19 -6.45 -38.29
CA PHE A 262 -7.87 -7.04 -38.12
C PHE A 262 -7.29 -6.70 -36.76
N MET A 263 -7.29 -5.42 -36.39
CA MET A 263 -6.73 -5.04 -35.10
C MET A 263 -7.58 -5.60 -33.97
N SER A 264 -8.84 -5.16 -33.86
CA SER A 264 -9.68 -5.45 -32.68
C SER A 264 -10.05 -6.93 -32.56
N PHE A 265 -9.80 -7.76 -33.58
CA PHE A 265 -9.97 -9.17 -33.38
C PHE A 265 -8.67 -9.95 -33.45
N ILE A 266 -7.91 -9.83 -34.53
CA ILE A 266 -6.72 -10.65 -34.74
C ILE A 266 -5.62 -10.34 -33.74
N PHE A 267 -5.46 -9.08 -33.31
CA PHE A 267 -4.37 -8.81 -32.39
C PHE A 267 -4.67 -9.33 -30.97
N PRO A 268 -5.86 -9.08 -30.37
CA PRO A 268 -6.16 -9.77 -29.11
C PRO A 268 -6.27 -11.27 -29.23
N MET A 269 -6.82 -11.82 -30.31
CA MET A 269 -6.97 -13.27 -30.38
C MET A 269 -5.61 -13.96 -30.44
N VAL A 270 -4.65 -13.37 -31.15
CA VAL A 270 -3.31 -13.95 -31.19
C VAL A 270 -2.61 -13.82 -29.84
N VAL A 271 -2.69 -12.65 -29.19
CA VAL A 271 -1.96 -12.53 -27.93
C VAL A 271 -2.63 -13.34 -26.82
N ILE A 272 -3.97 -13.44 -26.85
CA ILE A 272 -4.68 -14.23 -25.85
C ILE A 272 -4.41 -15.71 -26.04
N SER A 273 -4.45 -16.18 -27.30
CA SER A 273 -4.19 -17.59 -27.58
C SER A 273 -2.78 -17.98 -27.17
N VAL A 274 -1.78 -17.20 -27.61
CA VAL A 274 -0.39 -17.55 -27.32
C VAL A 274 -0.07 -17.46 -25.84
N LEU A 275 -0.43 -16.34 -25.20
CA LEU A 275 -0.07 -16.16 -23.80
C LEU A 275 -0.85 -17.09 -22.88
N ASN A 276 -2.17 -17.22 -23.08
CA ASN A 276 -2.94 -18.09 -22.20
C ASN A 276 -2.62 -19.55 -22.43
N THR A 277 -2.19 -19.92 -23.64
CA THR A 277 -1.76 -21.30 -23.85
C THR A 277 -0.43 -21.56 -23.17
N ILE A 278 0.48 -20.58 -23.17
CA ILE A 278 1.75 -20.75 -22.46
C ILE A 278 1.53 -20.82 -20.95
N ILE A 279 0.64 -19.97 -20.41
CA ILE A 279 0.35 -19.97 -18.97
C ILE A 279 -0.32 -21.28 -18.57
N ALA A 280 -1.27 -21.75 -19.37
CA ALA A 280 -1.97 -22.99 -19.04
C ALA A 280 -1.04 -24.18 -19.16
N ASN A 281 -0.09 -24.15 -20.09
CA ASN A 281 0.89 -25.23 -20.18
C ASN A 281 1.81 -25.23 -18.97
N LYS A 282 2.24 -24.04 -18.52
CA LYS A 282 3.16 -23.97 -17.38
C LYS A 282 2.47 -24.38 -16.09
N LEU A 283 1.22 -23.96 -15.89
CA LEU A 283 0.63 -24.34 -14.62
C LEU A 283 -0.03 -25.72 -14.68
N THR A 284 -0.16 -26.31 -15.87
CA THR A 284 -0.42 -27.74 -15.93
C THR A 284 0.84 -28.54 -15.62
N VAL A 285 2.01 -28.00 -15.96
CA VAL A 285 3.26 -28.58 -15.46
C VAL A 285 3.33 -28.51 -13.94
N MET A 286 2.86 -27.40 -13.36
CA MET A 286 2.83 -27.32 -11.89
C MET A 286 1.78 -28.26 -11.28
N VAL A 287 0.68 -28.53 -11.99
CA VAL A 287 -0.27 -29.58 -11.57
C VAL A 287 0.42 -30.92 -11.51
N ARG A 288 1.16 -31.27 -12.57
CA ARG A 288 1.85 -32.56 -12.62
C ARG A 288 2.91 -32.65 -11.53
N GLN A 289 3.59 -31.54 -11.24
CA GLN A 289 4.57 -31.50 -10.16
C GLN A 289 3.93 -31.72 -8.79
N ALA A 290 2.83 -31.02 -8.51
CA ALA A 290 2.20 -31.13 -7.20
C ALA A 290 1.54 -32.49 -7.01
N ALA A 291 1.00 -33.07 -8.08
CA ALA A 291 0.43 -34.41 -7.99
C ALA A 291 1.52 -35.46 -7.90
N GLU A 292 2.71 -35.14 -8.43
CA GLU A 292 3.84 -36.05 -8.31
C GLU A 292 4.34 -36.09 -6.87
N GLN A 293 4.52 -34.93 -6.24
CA GLN A 293 4.95 -34.87 -4.85
C GLN A 293 4.14 -33.86 -4.04
N CYS A 297 -0.55 -35.87 0.49
CA CYS A 297 0.87 -35.62 0.57
C CYS A 297 1.19 -34.48 1.51
N THR A 298 0.66 -33.31 1.20
CA THR A 298 0.89 -32.10 1.99
C THR A 298 -0.42 -31.63 2.59
N VAL A 299 -0.36 -30.52 3.32
CA VAL A 299 -1.55 -30.01 4.00
C VAL A 299 -2.47 -29.31 2.99
N GLY A 300 -1.91 -28.46 2.14
CA GLY A 300 -2.72 -27.80 1.15
C GLY A 300 -2.79 -28.48 -0.20
N GLY A 301 -2.32 -29.73 -0.29
CA GLY A 301 -2.30 -30.51 -1.51
C GLY A 301 -3.60 -30.63 -2.28
N PRO A 302 -4.68 -31.12 -1.66
CA PRO A 302 -5.97 -31.12 -2.38
C PRO A 302 -6.62 -29.74 -2.52
N GLY A 303 -6.01 -28.69 -2.00
CA GLY A 303 -6.49 -27.35 -2.30
C GLY A 303 -5.72 -26.74 -3.45
N ARG A 304 -4.42 -27.06 -3.52
CA ARG A 304 -3.56 -26.46 -4.53
C ARG A 304 -3.89 -26.98 -5.92
N VAL A 305 -4.08 -28.29 -6.07
CA VAL A 305 -4.34 -28.83 -7.39
C VAL A 305 -5.74 -28.46 -7.86
N GLN A 306 -6.68 -28.25 -6.94
CA GLN A 306 -8.00 -27.76 -7.34
C GLN A 306 -7.90 -26.30 -7.78
N ALA A 307 -7.08 -25.50 -7.10
CA ALA A 307 -6.87 -24.11 -7.51
C ALA A 307 -6.23 -24.04 -8.88
N LEU A 308 -5.25 -24.90 -9.14
CA LEU A 308 -4.55 -24.86 -10.42
C LEU A 308 -5.41 -25.40 -11.56
N ARG A 309 -6.23 -26.43 -11.30
CA ARG A 309 -7.12 -26.92 -12.34
C ARG A 309 -8.20 -25.91 -12.67
N HIS A 310 -8.71 -25.20 -11.66
CA HIS A 310 -9.68 -24.15 -11.96
C HIS A 310 -9.02 -22.96 -12.64
N GLY A 311 -7.72 -22.75 -12.40
CA GLY A 311 -7.00 -21.75 -13.16
C GLY A 311 -6.88 -22.10 -14.63
N VAL A 312 -6.57 -23.37 -14.92
CA VAL A 312 -6.53 -23.87 -16.30
C VAL A 312 -7.87 -23.67 -16.99
N ARG A 313 -8.94 -23.98 -16.28
CA ARG A 313 -10.26 -23.89 -16.90
C ARG A 313 -10.70 -22.44 -17.08
N VAL A 314 -10.23 -21.52 -16.23
CA VAL A 314 -10.49 -20.10 -16.47
C VAL A 314 -9.76 -19.62 -17.71
N LEU A 315 -8.51 -20.08 -17.92
CA LEU A 315 -7.77 -19.63 -19.09
C LEU A 315 -8.40 -20.11 -20.39
N ARG A 316 -8.76 -21.40 -20.46
CA ARG A 316 -9.47 -21.89 -21.64
C ARG A 316 -10.84 -21.24 -21.79
N ALA A 317 -11.51 -20.91 -20.68
CA ALA A 317 -12.82 -20.29 -20.79
C ALA A 317 -12.72 -18.87 -21.33
N VAL A 318 -11.66 -18.15 -20.98
CA VAL A 318 -11.49 -16.79 -21.50
C VAL A 318 -11.19 -16.83 -22.99
N VAL A 319 -10.33 -17.76 -23.42
CA VAL A 319 -10.03 -17.89 -24.87
C VAL A 319 -11.27 -18.27 -25.67
N ILE A 320 -11.99 -19.31 -25.24
CA ILE A 320 -13.13 -19.79 -26.00
C ILE A 320 -14.29 -18.82 -25.96
N ALA A 321 -14.48 -18.12 -24.83
CA ALA A 321 -15.54 -17.12 -24.76
C ALA A 321 -15.21 -15.92 -25.61
N PHE A 322 -13.92 -15.59 -25.75
CA PHE A 322 -13.53 -14.49 -26.62
C PHE A 322 -13.84 -14.79 -28.07
N VAL A 323 -13.47 -16.01 -28.52
CA VAL A 323 -13.77 -16.42 -29.90
C VAL A 323 -15.28 -16.46 -30.15
N VAL A 324 -16.03 -17.18 -29.30
CA VAL A 324 -17.45 -17.39 -29.54
C VAL A 324 -18.23 -16.09 -29.40
N CYS A 325 -17.73 -15.16 -28.58
CA CYS A 325 -18.44 -13.90 -28.43
C CYS A 325 -18.14 -12.91 -29.54
N TRP A 326 -16.90 -12.85 -30.03
CA TRP A 326 -16.56 -11.77 -30.95
C TRP A 326 -16.16 -12.19 -32.35
N LEU A 327 -16.19 -13.46 -32.69
CA LEU A 327 -15.99 -13.77 -34.09
C LEU A 327 -17.20 -13.43 -34.97
N PRO A 328 -18.49 -13.82 -34.64
CA PRO A 328 -19.57 -13.55 -35.58
C PRO A 328 -19.86 -12.07 -35.82
N TYR A 329 -19.53 -11.22 -34.84
CA TYR A 329 -19.67 -9.78 -35.01
C TYR A 329 -18.75 -9.27 -36.11
N HIS A 330 -17.48 -9.68 -36.10
CA HIS A 330 -16.58 -9.21 -37.13
C HIS A 330 -16.83 -9.91 -38.46
N VAL A 331 -17.41 -11.11 -38.42
CA VAL A 331 -17.85 -11.75 -39.66
C VAL A 331 -18.99 -10.97 -40.29
N ARG A 332 -19.89 -10.43 -39.46
CA ARG A 332 -20.98 -9.61 -39.97
C ARG A 332 -20.45 -8.33 -40.60
N ARG A 333 -19.51 -7.67 -39.94
CA ARG A 333 -18.96 -6.42 -40.47
C ARG A 333 -18.15 -6.66 -41.74
N LEU A 334 -17.43 -7.77 -41.78
CA LEU A 334 -16.63 -8.09 -42.95
C LEU A 334 -17.49 -8.49 -44.13
N MET A 335 -18.57 -9.24 -43.90
CA MET A 335 -19.43 -9.62 -45.02
C MET A 335 -20.36 -8.49 -45.40
N PHE A 336 -20.47 -7.46 -44.55
CA PHE A 336 -20.99 -6.19 -45.02
C PHE A 336 -20.03 -5.57 -46.03
N CYS A 337 -18.77 -5.40 -45.64
CA CYS A 337 -17.88 -4.54 -46.43
C CYS A 337 -17.41 -5.23 -47.71
N TYR A 338 -17.38 -6.56 -47.74
CA TYR A 338 -16.94 -7.24 -48.97
C TYR A 338 -18.01 -7.24 -50.04
N ILE A 339 -19.24 -7.61 -49.68
CA ILE A 339 -20.22 -8.00 -50.69
C ILE A 339 -20.76 -6.78 -51.42
N SER A 340 -20.55 -6.76 -52.74
CA SER A 340 -20.97 -5.65 -53.58
C SER A 340 -22.47 -5.67 -53.80
N ASP A 341 -22.98 -4.55 -54.33
CA ASP A 341 -24.42 -4.34 -54.41
C ASP A 341 -25.08 -5.26 -55.43
N GLU A 342 -24.31 -5.79 -56.37
CA GLU A 342 -24.87 -6.71 -57.34
C GLU A 342 -25.18 -8.06 -56.71
N GLN A 343 -24.47 -8.42 -55.63
CA GLN A 343 -24.65 -9.75 -55.06
C GLN A 343 -25.76 -9.79 -54.03
N TRP A 344 -26.20 -8.63 -53.53
CA TRP A 344 -27.24 -8.63 -52.51
C TRP A 344 -28.60 -8.94 -53.10
N THR A 345 -29.23 -9.99 -52.57
CA THR A 345 -30.57 -10.42 -52.90
C THR A 345 -31.40 -10.20 -51.63
N PRO A 346 -32.73 -10.16 -51.68
CA PRO A 346 -33.49 -9.95 -50.42
C PRO A 346 -33.37 -11.10 -49.41
N PHE A 347 -32.98 -12.28 -49.88
CA PHE A 347 -32.64 -13.36 -48.95
C PHE A 347 -31.43 -12.98 -48.10
N LEU A 348 -30.39 -12.42 -48.73
CA LEU A 348 -29.22 -12.01 -47.95
C LEU A 348 -29.53 -10.79 -47.09
N TYR A 349 -30.47 -9.96 -47.52
CA TYR A 349 -30.92 -8.81 -46.72
C TYR A 349 -31.56 -9.28 -45.42
N ASP A 350 -32.54 -10.19 -45.53
CA ASP A 350 -33.24 -10.70 -44.35
C ASP A 350 -32.31 -11.53 -43.47
N PHE A 351 -31.45 -12.34 -44.10
CA PHE A 351 -30.48 -13.12 -43.37
C PHE A 351 -29.49 -12.23 -42.64
N TYR A 352 -29.16 -11.07 -43.23
CA TYR A 352 -28.28 -10.13 -42.57
C TYR A 352 -28.91 -9.58 -41.32
N HIS A 353 -30.21 -9.29 -41.35
CA HIS A 353 -30.78 -8.63 -40.17
C HIS A 353 -31.06 -9.62 -39.03
N TYR A 354 -31.44 -10.85 -39.37
CA TYR A 354 -31.48 -11.88 -38.32
C TYR A 354 -30.07 -12.18 -37.79
N PHE A 355 -29.08 -12.17 -38.68
CA PHE A 355 -27.69 -12.36 -38.28
C PHE A 355 -27.22 -11.20 -37.42
N TYR A 356 -27.78 -10.02 -37.65
CA TYR A 356 -27.43 -8.85 -36.85
C TYR A 356 -27.91 -9.01 -35.41
N MET A 357 -29.15 -9.47 -35.23
CA MET A 357 -29.64 -9.73 -33.88
C MET A 357 -28.83 -10.81 -33.17
N VAL A 358 -28.49 -11.89 -33.88
CA VAL A 358 -27.73 -12.98 -33.29
C VAL A 358 -26.33 -12.54 -32.88
N THR A 359 -25.66 -11.76 -33.73
CA THR A 359 -24.30 -11.34 -33.43
C THR A 359 -24.25 -10.31 -32.31
N ASN A 360 -25.23 -9.41 -32.22
CA ASN A 360 -25.18 -8.50 -31.09
C ASN A 360 -25.55 -9.19 -29.78
N ALA A 361 -26.33 -10.28 -29.85
CA ALA A 361 -26.52 -11.12 -28.65
C ALA A 361 -25.21 -11.74 -28.20
N LEU A 362 -24.48 -12.37 -29.13
CA LEU A 362 -23.19 -12.97 -28.77
C LEU A 362 -22.16 -11.91 -28.39
N PHE A 363 -22.34 -10.68 -28.86
CA PHE A 363 -21.46 -9.59 -28.46
C PHE A 363 -21.71 -9.16 -27.03
N TYR A 364 -22.98 -9.04 -26.64
CA TYR A 364 -23.29 -8.57 -25.28
C TYR A 364 -23.17 -9.68 -24.24
N VAL A 365 -23.01 -10.94 -24.67
CA VAL A 365 -22.64 -11.99 -23.72
C VAL A 365 -21.28 -11.70 -23.09
N SER A 366 -20.35 -11.15 -23.88
CA SER A 366 -18.97 -10.97 -23.42
C SER A 366 -18.86 -9.90 -22.36
N SER A 367 -19.79 -8.94 -22.34
CA SER A 367 -19.76 -7.93 -21.29
C SER A 367 -20.27 -8.49 -19.98
N THR A 368 -21.00 -9.61 -20.03
CA THR A 368 -21.54 -10.18 -18.81
C THR A 368 -20.64 -11.26 -18.25
N ILE A 369 -19.89 -11.97 -19.10
CA ILE A 369 -19.21 -13.15 -18.62
C ILE A 369 -17.90 -12.87 -17.90
N ASN A 370 -17.54 -11.62 -17.64
CA ASN A 370 -16.33 -11.36 -16.86
C ASN A 370 -16.51 -11.42 -15.34
N PRO A 371 -17.57 -10.87 -14.71
CA PRO A 371 -17.72 -11.12 -13.26
C PRO A 371 -18.09 -12.54 -12.93
N ILE A 372 -18.65 -13.30 -13.87
CA ILE A 372 -19.01 -14.68 -13.60
C ILE A 372 -17.75 -15.54 -13.47
N LEU A 373 -16.71 -15.21 -14.23
CA LEU A 373 -15.45 -15.94 -14.14
C LEU A 373 -14.74 -15.68 -12.81
N TYR A 374 -14.94 -14.50 -12.22
CA TYR A 374 -14.23 -14.16 -11.00
C TYR A 374 -14.94 -14.73 -9.79
N ASN A 375 -16.28 -14.69 -9.78
CA ASN A 375 -17.02 -15.24 -8.65
C ASN A 375 -16.99 -16.76 -8.65
N LEU A 376 -16.67 -17.36 -9.79
CA LEU A 376 -16.66 -18.83 -9.86
C LEU A 376 -15.46 -19.41 -9.11
N VAL A 377 -14.29 -18.78 -9.21
CA VAL A 377 -13.08 -19.47 -8.80
C VAL A 377 -12.43 -18.83 -7.58
N SER A 378 -12.33 -17.50 -7.56
CA SER A 378 -11.68 -16.81 -6.44
C SER A 378 -12.61 -16.79 -5.24
N ALA A 379 -12.23 -17.50 -4.18
CA ALA A 379 -13.09 -17.62 -3.00
C ALA A 379 -13.10 -16.33 -2.19
N ASN A 380 -12.00 -15.58 -2.21
CA ASN A 380 -11.98 -14.26 -1.58
C ASN A 380 -12.94 -13.31 -2.29
N PHE A 381 -12.94 -13.34 -3.62
CA PHE A 381 -13.78 -12.42 -4.38
C PHE A 381 -15.25 -12.79 -4.26
N ARG A 382 -15.54 -14.07 -3.99
CA ARG A 382 -16.93 -14.54 -3.98
C ARG A 382 -17.69 -14.00 -2.79
N HIS A 383 -17.05 -13.98 -1.61
CA HIS A 383 -17.75 -13.68 -0.37
C HIS A 383 -18.06 -12.18 -0.25
N ILE A 384 -17.12 -11.34 -0.67
CA ILE A 384 -17.33 -9.89 -0.59
C ILE A 384 -18.41 -9.48 -1.59
N PHE A 385 -18.47 -10.18 -2.71
CA PHE A 385 -19.48 -9.92 -3.73
C PHE A 385 -20.87 -10.26 -3.23
N LEU A 386 -21.06 -11.46 -2.69
CA LEU A 386 -22.39 -11.88 -2.26
C LEU A 386 -22.81 -11.18 -0.98
N ALA A 387 -21.86 -10.70 -0.19
CA ALA A 387 -22.22 -9.87 0.95
C ALA A 387 -22.62 -8.48 0.50
N THR A 388 -22.05 -8.01 -0.61
CA THR A 388 -22.42 -6.70 -1.14
C THR A 388 -23.84 -6.74 -1.70
N LEU A 389 -24.22 -7.86 -2.32
CA LEU A 389 -25.59 -8.04 -2.76
C LEU A 389 -26.53 -8.24 -1.58
N ALA A 390 -26.02 -8.82 -0.49
CA ALA A 390 -26.86 -9.00 0.70
C ALA A 390 -27.06 -7.68 1.43
N CYS A 391 -26.09 -6.76 1.31
CA CYS A 391 -26.25 -5.44 1.90
C CYS A 391 -27.30 -4.62 1.16
N LEU A 392 -27.35 -4.77 -0.16
CA LEU A 392 -28.31 -4.02 -0.96
C LEU A 392 -29.73 -4.55 -0.78
N CYS A 393 -29.87 -5.86 -0.64
CA CYS A 393 -31.18 -6.46 -0.45
C CYS A 393 -31.48 -6.68 1.03
N LYS B 1 -29.91 -4.73 -53.41
CA LYS B 1 -30.50 -4.36 -52.13
C LYS B 1 -29.54 -4.63 -50.99
N LYS B 2 -28.58 -3.74 -50.84
CA LYS B 2 -27.59 -3.85 -49.80
C LYS B 2 -28.19 -3.37 -48.49
N PRO B 3 -28.03 -4.11 -47.40
CA PRO B 3 -28.49 -3.62 -46.10
C PRO B 3 -27.62 -2.48 -45.64
N TYR B 4 -28.15 -1.63 -44.78
CA TYR B 4 -27.46 -0.39 -44.48
C TYR B 4 -27.00 -0.31 -43.03
N ILE B 5 -27.56 -1.15 -42.16
CA ILE B 5 -27.17 -1.11 -40.76
C ILE B 5 -25.81 -1.79 -40.58
N LEU B 6 -24.81 -0.97 -40.30
CA LEU B 6 -23.60 -1.46 -39.67
C LEU B 6 -23.28 -0.48 -38.58
N THR C 4 24.33 19.25 -23.16
CA THR C 4 23.86 20.20 -22.17
C THR C 4 24.55 19.96 -20.83
N LEU C 5 24.65 18.69 -20.46
CA LEU C 5 25.31 18.34 -19.21
C LEU C 5 26.82 18.49 -19.34
N SER C 6 27.47 18.88 -18.26
CA SER C 6 28.89 19.20 -18.30
C SER C 6 29.74 17.94 -18.30
N ALA C 7 31.04 18.14 -18.17
CA ALA C 7 31.97 17.01 -18.17
C ALA C 7 31.82 16.17 -16.91
N GLU C 8 31.52 16.81 -15.78
CA GLU C 8 31.41 16.07 -14.54
C GLU C 8 30.02 15.48 -14.37
N ASP C 9 29.00 16.18 -14.86
CA ASP C 9 27.62 15.80 -14.60
C ASP C 9 27.25 14.52 -15.35
N LYS C 10 27.80 14.36 -16.56
CA LYS C 10 27.56 13.14 -17.32
C LYS C 10 28.19 11.93 -16.65
N ALA C 11 29.38 12.11 -16.06
CA ALA C 11 30.00 11.02 -15.32
C ALA C 11 29.23 10.70 -14.05
N ALA C 12 28.63 11.72 -13.44
CA ALA C 12 27.77 11.49 -12.28
C ALA C 12 26.54 10.69 -12.65
N VAL C 13 25.94 10.99 -13.80
CA VAL C 13 24.78 10.22 -14.24
C VAL C 13 25.16 8.80 -14.59
N GLU C 14 26.37 8.60 -15.13
CA GLU C 14 26.86 7.23 -15.38
C GLU C 14 27.06 6.46 -14.08
N ARG C 15 27.60 7.13 -13.06
CA ARG C 15 27.72 6.52 -11.73
C ARG C 15 26.36 6.17 -11.14
N SER C 16 25.37 7.05 -11.33
CA SER C 16 24.04 6.77 -10.80
C SER C 16 23.38 5.61 -11.52
N LYS C 17 23.65 5.47 -12.82
CA LYS C 17 23.07 4.33 -13.56
C LYS C 17 23.73 3.02 -13.16
N MET C 18 25.03 3.05 -12.85
CA MET C 18 25.71 1.84 -12.39
C MET C 18 25.21 1.44 -11.00
N ILE C 19 25.02 2.42 -10.12
CA ILE C 19 24.41 2.18 -8.81
C ILE C 19 22.99 1.66 -8.95
N ASP C 20 22.24 2.18 -9.92
CA ASP C 20 20.84 1.79 -10.06
C ASP C 20 20.72 0.38 -10.62
N ARG C 21 21.64 -0.03 -11.49
CA ARG C 21 21.59 -1.42 -11.95
C ARG C 21 22.07 -2.38 -10.86
N ASN C 22 22.96 -1.92 -9.97
CA ASN C 22 23.29 -2.73 -8.79
C ASN C 22 22.09 -2.87 -7.87
N LEU C 23 21.28 -1.81 -7.73
CA LEU C 23 20.07 -1.89 -6.92
C LEU C 23 19.08 -2.88 -7.52
N ARG C 24 18.88 -2.85 -8.84
CA ARG C 24 17.94 -3.77 -9.47
C ARG C 24 18.43 -5.21 -9.39
N GLU C 25 19.74 -5.44 -9.55
CA GLU C 25 20.27 -6.80 -9.47
C GLU C 25 20.15 -7.35 -8.05
N ASP C 26 20.47 -6.54 -7.05
CA ASP C 26 20.39 -7.00 -5.67
C ASP C 26 18.93 -7.18 -5.24
N GLY C 27 18.02 -6.36 -5.79
CA GLY C 27 16.61 -6.52 -5.46
C GLY C 27 15.99 -7.76 -6.08
N GLU C 28 16.35 -8.07 -7.33
CA GLU C 28 15.82 -9.28 -7.95
C GLU C 28 16.48 -10.51 -7.36
N LYS C 29 17.66 -10.36 -6.75
CA LYS C 29 18.21 -11.46 -5.98
C LYS C 29 17.47 -11.66 -4.66
N ALA C 30 17.12 -10.54 -4.01
CA ALA C 30 16.50 -10.64 -2.69
C ALA C 30 15.02 -11.01 -2.78
N ALA C 31 14.42 -10.85 -3.96
CA ALA C 31 13.02 -11.22 -4.11
C ALA C 31 12.84 -12.73 -4.29
N ARG C 32 13.93 -13.44 -4.55
CA ARG C 32 13.83 -14.89 -4.74
C ARG C 32 13.79 -15.62 -3.41
N GLU C 33 14.41 -15.06 -2.38
CA GLU C 33 14.53 -15.76 -1.11
C GLU C 33 13.30 -15.55 -0.25
N VAL C 34 13.06 -16.50 0.64
CA VAL C 34 11.85 -16.56 1.46
C VAL C 34 12.16 -15.99 2.83
N LYS C 35 11.31 -15.11 3.32
CA LYS C 35 11.46 -14.52 4.65
C LYS C 35 10.32 -14.93 5.56
N LEU C 36 10.68 -15.43 6.74
CA LEU C 36 9.76 -16.11 7.66
C LEU C 36 9.84 -15.45 9.03
N LEU C 37 8.71 -14.90 9.49
CA LEU C 37 8.63 -14.37 10.83
C LEU C 37 8.49 -15.55 11.80
N LEU C 38 9.06 -15.43 12.98
CA LEU C 38 9.00 -16.51 13.97
C LEU C 38 8.48 -15.96 15.29
N LEU C 39 7.50 -16.65 15.87
CA LEU C 39 6.85 -16.18 17.09
C LEU C 39 6.65 -17.34 18.05
N GLY C 40 6.38 -16.98 19.31
CA GLY C 40 6.11 -17.97 20.35
C GLY C 40 5.81 -17.24 21.64
N ALA C 41 5.50 -18.02 22.67
CA ALA C 41 5.34 -17.47 24.00
C ALA C 41 6.65 -17.42 24.78
N GLY C 42 7.77 -17.79 24.17
CA GLY C 42 9.04 -17.89 24.83
C GLY C 42 9.34 -19.25 25.41
N GLU C 43 8.33 -19.90 26.00
CA GLU C 43 8.45 -21.27 26.50
C GLU C 43 7.85 -22.27 25.53
N SER C 44 7.83 -21.95 24.24
CA SER C 44 7.14 -22.73 23.23
C SER C 44 8.08 -23.57 22.39
N GLY C 45 9.36 -23.66 22.74
CA GLY C 45 10.27 -24.46 21.96
C GLY C 45 10.68 -23.85 20.64
N LYS C 46 10.59 -22.53 20.52
CA LYS C 46 10.99 -21.86 19.28
C LYS C 46 12.50 -21.91 19.08
N SER C 47 13.27 -21.95 20.19
CA SER C 47 14.70 -22.16 20.08
C SER C 47 15.02 -23.56 19.59
N THR C 48 14.14 -24.53 19.88
CA THR C 48 14.35 -25.89 19.42
C THR C 48 14.15 -25.98 17.90
N ILE C 49 13.15 -25.29 17.36
CA ILE C 49 12.96 -25.36 15.91
C ILE C 49 14.02 -24.53 15.20
N VAL C 50 14.55 -23.48 15.85
CA VAL C 50 15.67 -22.75 15.28
C VAL C 50 16.92 -23.63 15.23
N LYS C 51 17.10 -24.49 16.24
CA LYS C 51 18.18 -25.45 16.19
C LYS C 51 17.93 -26.53 15.14
N GLN C 52 16.66 -26.87 14.90
CA GLN C 52 16.34 -27.89 13.91
C GLN C 52 16.54 -27.37 12.49
N MET C 53 16.40 -26.05 12.28
CA MET C 53 16.69 -25.51 10.96
C MET C 53 18.19 -25.51 10.67
N LYS C 54 19.00 -25.51 11.74
CA LYS C 54 20.47 -25.40 11.78
C LYS C 54 21.08 -24.42 10.79
N THR C 182 21.31 -8.14 19.70
CA THR C 182 20.35 -8.37 20.79
C THR C 182 18.93 -8.03 20.36
N GLY C 183 18.79 -7.66 19.10
CA GLY C 183 17.49 -7.36 18.52
C GLY C 183 16.96 -8.56 17.76
N ILE C 184 16.67 -8.32 16.49
CA ILE C 184 16.34 -9.37 15.52
C ILE C 184 17.46 -10.40 15.47
N VAL C 185 17.10 -11.68 15.61
CA VAL C 185 18.05 -12.74 15.30
C VAL C 185 17.66 -13.39 13.99
N GLU C 186 18.58 -13.41 13.04
CA GLU C 186 18.32 -13.93 11.70
C GLU C 186 18.96 -15.30 11.54
N THR C 187 18.32 -16.16 10.76
CA THR C 187 18.84 -17.48 10.43
C THR C 187 18.79 -17.64 8.91
N HIS C 188 19.95 -17.83 8.31
CA HIS C 188 20.06 -18.06 6.87
C HIS C 188 20.34 -19.54 6.66
N PHE C 189 19.37 -20.24 6.09
CA PHE C 189 19.57 -21.63 5.72
C PHE C 189 18.94 -21.88 4.36
N THR C 190 19.50 -22.83 3.63
CA THR C 190 19.04 -23.18 2.30
C THR C 190 18.58 -24.63 2.32
N PHE C 191 17.40 -24.88 1.75
CA PHE C 191 16.90 -26.23 1.64
C PHE C 191 16.40 -26.46 0.22
N LYS C 192 17.13 -27.31 -0.53
CA LYS C 192 16.73 -27.83 -1.83
C LYS C 192 16.54 -26.69 -2.84
N ASP C 193 17.60 -25.87 -2.96
CA ASP C 193 17.66 -24.71 -3.85
C ASP C 193 16.54 -23.71 -3.59
N LEU C 194 16.31 -23.41 -2.32
CA LEU C 194 15.45 -22.31 -1.94
C LEU C 194 16.01 -21.69 -0.67
N HIS C 195 16.19 -20.37 -0.68
CA HIS C 195 16.95 -19.66 0.34
C HIS C 195 15.98 -19.08 1.36
N PHE C 196 16.11 -19.50 2.62
CA PHE C 196 15.21 -19.09 3.68
C PHE C 196 15.88 -18.08 4.60
N LYS C 197 15.13 -17.06 4.99
CA LYS C 197 15.56 -16.11 6.02
C LYS C 197 14.54 -16.16 7.14
N MET C 198 14.99 -16.53 8.33
CA MET C 198 14.10 -16.73 9.47
C MET C 198 14.42 -15.71 10.55
N PHE C 199 13.44 -14.89 10.90
CA PHE C 199 13.63 -13.77 11.81
C PHE C 199 13.07 -14.13 13.18
N ASP C 200 13.93 -14.23 14.17
CA ASP C 200 13.54 -14.54 15.54
C ASP C 200 13.36 -13.21 16.29
N VAL C 201 12.10 -12.79 16.45
CA VAL C 201 11.82 -11.44 16.92
C VAL C 201 11.49 -11.40 18.41
N GLY C 202 11.59 -12.53 19.10
CA GLY C 202 11.20 -12.56 20.51
C GLY C 202 12.18 -11.85 21.42
N GLY C 203 13.41 -11.66 20.97
CA GLY C 203 14.38 -10.93 21.78
C GLY C 203 14.06 -9.44 21.87
N GLN C 204 13.41 -8.91 20.84
CA GLN C 204 13.00 -7.52 20.84
C GLN C 204 11.83 -7.34 21.81
N ARG C 205 12.13 -6.94 23.03
CA ARG C 205 11.11 -6.79 24.07
C ARG C 205 10.77 -5.32 24.19
N SER C 206 9.64 -4.93 23.62
CA SER C 206 9.14 -3.56 23.56
C SER C 206 7.68 -3.67 23.14
N GLU C 207 7.09 -2.54 22.77
CA GLU C 207 5.70 -2.58 22.34
C GLU C 207 5.60 -3.18 20.94
N ARG C 208 4.83 -4.26 20.82
CA ARG C 208 4.74 -5.00 19.56
C ARG C 208 4.00 -4.21 18.50
N LYS C 209 3.13 -3.28 18.93
CA LYS C 209 2.29 -2.55 17.99
C LYS C 209 3.11 -1.60 17.12
N LYS C 210 4.29 -1.20 17.59
CA LYS C 210 5.03 -0.17 16.90
C LYS C 210 5.93 -0.73 15.80
N TRP C 211 6.32 -1.99 15.89
CA TRP C 211 7.24 -2.54 14.91
C TRP C 211 6.71 -3.76 14.17
N ILE C 212 5.46 -4.18 14.39
CA ILE C 212 4.99 -5.38 13.72
C ILE C 212 4.63 -5.05 12.27
N HIS C 213 4.42 -3.77 11.96
CA HIS C 213 4.10 -3.38 10.59
C HIS C 213 5.34 -3.39 9.71
N CYS C 214 6.53 -3.57 10.30
CA CYS C 214 7.73 -3.73 9.51
C CYS C 214 7.75 -5.07 8.77
N PHE C 215 6.99 -6.04 9.25
CA PHE C 215 6.97 -7.38 8.69
C PHE C 215 5.80 -7.64 7.78
N GLU C 216 5.05 -6.62 7.38
CA GLU C 216 3.94 -6.82 6.45
C GLU C 216 4.47 -7.24 5.09
N GLY C 217 4.08 -8.43 4.67
CA GLY C 217 4.57 -8.97 3.42
C GLY C 217 5.63 -10.04 3.54
N VAL C 218 5.79 -10.63 4.72
CA VAL C 218 6.58 -11.86 4.80
C VAL C 218 5.80 -12.98 4.14
N THR C 219 6.52 -14.04 3.77
CA THR C 219 5.88 -15.16 3.10
C THR C 219 4.95 -15.92 4.04
N ALA C 220 5.48 -16.39 5.16
CA ALA C 220 4.68 -17.10 6.13
C ALA C 220 5.16 -16.76 7.53
N ILE C 221 4.29 -16.95 8.51
CA ILE C 221 4.63 -16.84 9.92
C ILE C 221 4.82 -18.25 10.44
N ILE C 222 5.85 -18.48 11.23
CA ILE C 222 5.97 -19.71 11.98
C ILE C 222 5.63 -19.42 13.43
N PHE C 223 4.60 -20.05 13.95
CA PHE C 223 4.12 -19.82 15.30
C PHE C 223 4.31 -21.11 16.09
N CYS C 224 4.81 -20.98 17.32
CA CYS C 224 5.18 -22.13 18.12
C CYS C 224 4.28 -22.20 19.35
N VAL C 225 3.85 -23.42 19.66
CA VAL C 225 3.13 -23.72 20.89
C VAL C 225 3.76 -24.96 21.51
N ALA C 226 4.13 -24.88 22.77
CA ALA C 226 4.45 -26.06 23.54
C ALA C 226 3.13 -26.68 23.97
N LEU C 227 2.92 -27.95 23.60
CA LEU C 227 1.69 -28.64 23.97
C LEU C 227 1.63 -28.90 25.46
N SER C 228 2.78 -28.97 26.13
CA SER C 228 2.82 -29.30 27.54
C SER C 228 2.41 -28.15 28.45
N ASP C 229 2.01 -27.01 27.91
CA ASP C 229 1.71 -25.85 28.72
C ASP C 229 0.29 -25.84 29.28
N TYR C 230 -0.51 -26.86 28.98
CA TYR C 230 -1.89 -26.86 29.48
C TYR C 230 -1.92 -27.15 30.97
N ASP C 231 -0.97 -27.94 31.47
CA ASP C 231 -0.86 -28.19 32.91
C ASP C 231 -0.20 -27.01 33.61
N LEU C 232 0.79 -26.40 32.97
CA LEU C 232 1.56 -25.33 33.59
C LEU C 232 0.75 -24.03 33.65
N VAL C 233 0.83 -23.35 34.79
CA VAL C 233 0.07 -22.14 35.05
C VAL C 233 1.06 -20.99 35.21
N LEU C 234 0.91 -19.96 34.38
CA LEU C 234 1.73 -18.76 34.50
C LEU C 234 0.96 -17.59 33.90
N ASN C 241 -3.24 -21.89 31.83
CA ASN C 241 -3.12 -20.44 31.89
C ASN C 241 -2.08 -19.98 30.87
N ARG C 242 -0.99 -20.73 30.77
CA ARG C 242 0.01 -20.44 29.75
C ARG C 242 -0.50 -20.83 28.37
N MET C 243 -1.33 -21.88 28.31
CA MET C 243 -1.93 -22.32 27.05
C MET C 243 -2.94 -21.31 26.54
N HIS C 244 -3.73 -20.73 27.45
CA HIS C 244 -4.68 -19.69 27.06
C HIS C 244 -3.95 -18.42 26.66
N GLU C 245 -2.80 -18.15 27.27
CA GLU C 245 -2.01 -17.00 26.87
C GLU C 245 -1.42 -17.20 25.48
N SER C 246 -1.04 -18.44 25.16
CA SER C 246 -0.56 -18.75 23.83
C SER C 246 -1.67 -18.63 22.79
N MET C 247 -2.89 -19.05 23.15
CA MET C 247 -4.03 -18.85 22.25
C MET C 247 -4.37 -17.38 22.09
N LYS C 248 -4.17 -16.59 23.14
CA LYS C 248 -4.43 -15.15 23.03
C LYS C 248 -3.44 -14.49 22.09
N LEU C 249 -2.16 -14.86 22.19
CA LEU C 249 -1.15 -14.38 21.24
C LEU C 249 -1.45 -14.82 19.81
N PHE C 250 -1.93 -16.06 19.65
CA PHE C 250 -2.21 -16.56 18.31
C PHE C 250 -3.40 -15.86 17.68
N ASP C 251 -4.44 -15.59 18.48
CA ASP C 251 -5.55 -14.76 18.02
C ASP C 251 -5.07 -13.36 17.64
N SER C 252 -4.12 -12.82 18.43
CA SER C 252 -3.66 -11.45 18.21
C SER C 252 -2.86 -11.34 16.91
N ILE C 253 -2.15 -12.39 16.54
CA ILE C 253 -1.37 -12.29 15.30
C ILE C 253 -2.16 -12.80 14.10
N CYS C 254 -3.19 -13.62 14.33
CA CYS C 254 -4.09 -13.96 13.22
C CYS C 254 -4.88 -12.76 12.77
N ASN C 255 -5.66 -12.17 13.68
CA ASN C 255 -6.62 -11.17 13.30
C ASN C 255 -6.03 -9.77 13.23
N ASN C 256 -4.71 -9.66 13.12
CA ASN C 256 -4.07 -8.36 12.96
C ASN C 256 -4.32 -7.84 11.55
N LYS C 257 -4.30 -6.52 11.40
CA LYS C 257 -4.65 -5.93 10.12
C LYS C 257 -3.48 -5.97 9.15
N TRP C 258 -2.27 -6.24 9.64
CA TRP C 258 -1.12 -6.32 8.75
C TRP C 258 -1.00 -7.70 8.16
N PHE C 259 -1.57 -8.70 8.83
CA PHE C 259 -1.44 -10.09 8.43
C PHE C 259 -2.76 -10.68 7.92
N THR C 260 -3.49 -9.93 7.10
CA THR C 260 -4.72 -10.44 6.52
C THR C 260 -4.44 -11.61 5.57
N ASP C 261 -3.39 -11.51 4.76
CA ASP C 261 -3.15 -12.46 3.70
C ASP C 261 -2.03 -13.43 4.04
N THR C 262 -1.25 -13.18 5.08
CA THR C 262 -0.07 -13.95 5.39
C THR C 262 -0.47 -15.24 6.10
N SER C 263 -0.16 -16.37 5.47
CA SER C 263 -0.53 -17.66 6.03
C SER C 263 0.37 -18.02 7.20
N ILE C 264 -0.12 -18.89 8.07
CA ILE C 264 0.53 -19.19 9.34
C ILE C 264 0.89 -20.68 9.35
N ILE C 265 2.04 -20.99 9.95
CA ILE C 265 2.51 -22.35 10.10
C ILE C 265 2.70 -22.63 11.59
N LEU C 266 2.06 -23.68 12.10
CA LEU C 266 2.12 -24.02 13.51
C LEU C 266 3.02 -25.22 13.74
N PHE C 267 3.88 -25.11 14.73
CA PHE C 267 4.66 -26.24 15.23
C PHE C 267 4.19 -26.49 16.65
N LEU C 268 3.32 -27.48 16.82
CA LEU C 268 2.92 -27.85 18.17
C LEU C 268 4.06 -28.64 18.79
N ASN C 269 4.92 -27.97 19.53
CA ASN C 269 6.16 -28.56 19.98
C ASN C 269 5.92 -29.48 21.17
N LYS C 270 6.99 -30.20 21.54
CA LYS C 270 7.03 -31.09 22.71
C LYS C 270 5.97 -32.17 22.63
N LYS C 271 6.10 -33.03 21.63
CA LYS C 271 5.08 -34.04 21.37
C LYS C 271 5.11 -35.15 22.43
N ASP C 272 6.29 -35.66 22.74
CA ASP C 272 6.40 -36.85 23.59
C ASP C 272 6.04 -36.54 25.03
N LEU C 273 6.46 -35.36 25.53
CA LEU C 273 6.17 -35.01 26.91
C LEU C 273 4.68 -34.72 27.09
N PHE C 274 4.03 -34.18 26.07
CA PHE C 274 2.58 -34.00 26.09
C PHE C 274 1.85 -35.34 26.04
N GLU C 275 2.35 -36.27 25.23
CA GLU C 275 1.76 -37.61 25.15
C GLU C 275 1.87 -38.33 26.48
N GLU C 276 2.97 -38.12 27.20
CA GLU C 276 3.10 -38.72 28.53
C GLU C 276 2.26 -37.97 29.56
N LYS C 277 2.08 -36.65 29.38
CA LYS C 277 1.37 -35.86 30.38
C LYS C 277 -0.14 -36.10 30.30
N ILE C 278 -0.64 -36.54 29.14
CA ILE C 278 -2.07 -36.86 29.01
C ILE C 278 -2.48 -37.99 29.94
N LYS C 279 -1.63 -39.02 30.07
CA LYS C 279 -2.01 -40.21 30.83
C LYS C 279 -2.11 -39.93 32.32
N LYS C 280 -1.28 -39.01 32.83
CA LYS C 280 -1.38 -38.65 34.23
C LYS C 280 -2.36 -37.50 34.44
N SER C 281 -2.32 -36.49 33.58
CA SER C 281 -3.04 -35.25 33.79
C SER C 281 -4.13 -35.08 32.74
N PRO C 282 -5.36 -34.74 33.14
CA PRO C 282 -6.43 -34.58 32.15
C PRO C 282 -6.37 -33.23 31.46
N LEU C 283 -7.02 -33.15 30.31
CA LEU C 283 -7.07 -31.92 29.54
C LEU C 283 -8.20 -31.01 30.01
N THR C 284 -9.00 -31.45 30.98
CA THR C 284 -10.05 -30.61 31.55
C THR C 284 -9.46 -29.46 32.38
N ILE C 285 -8.16 -29.52 32.70
CA ILE C 285 -7.49 -28.42 33.38
C ILE C 285 -7.44 -27.19 32.49
N CYS C 286 -7.08 -27.36 31.21
CA CYS C 286 -7.00 -26.23 30.31
C CYS C 286 -8.38 -25.80 29.82
N TYR C 287 -9.09 -26.70 29.15
CA TYR C 287 -10.38 -26.40 28.56
C TYR C 287 -11.49 -26.88 29.50
N PRO C 288 -12.56 -26.11 29.68
CA PRO C 288 -13.66 -26.57 30.54
C PRO C 288 -14.42 -27.75 29.98
N GLU C 289 -14.76 -27.73 28.70
CA GLU C 289 -15.49 -28.83 28.07
C GLU C 289 -14.64 -29.40 26.94
N TYR C 290 -14.58 -30.72 26.88
CA TYR C 290 -13.75 -31.43 25.91
C TYR C 290 -14.47 -32.63 25.28
N ALA C 291 -15.51 -33.14 25.94
CA ALA C 291 -16.28 -34.35 25.57
C ALA C 291 -15.44 -35.61 25.52
N GLY C 292 -14.45 -35.72 26.40
CA GLY C 292 -13.88 -37.00 26.76
C GLY C 292 -13.03 -37.65 25.67
N SER C 293 -12.80 -38.95 25.85
CA SER C 293 -11.86 -39.77 25.06
C SER C 293 -10.45 -39.20 25.13
N ASN C 294 -9.87 -39.27 26.32
CA ASN C 294 -8.49 -38.81 26.55
C ASN C 294 -7.51 -39.87 26.05
N THR C 295 -7.09 -39.73 24.79
CA THR C 295 -5.95 -40.45 24.27
C THR C 295 -5.04 -39.35 23.70
N TYR C 296 -3.89 -39.73 23.14
CA TYR C 296 -3.05 -38.72 22.51
C TYR C 296 -3.71 -38.12 21.27
N GLU C 297 -4.30 -38.96 20.43
CA GLU C 297 -4.71 -38.54 19.10
C GLU C 297 -5.88 -37.58 19.15
N GLU C 298 -6.88 -37.89 19.99
CA GLU C 298 -8.05 -37.03 20.09
C GLU C 298 -7.72 -35.71 20.75
N ALA C 299 -6.83 -35.71 21.74
CA ALA C 299 -6.44 -34.49 22.43
C ALA C 299 -5.61 -33.58 21.51
N ALA C 300 -4.68 -34.18 20.77
CA ALA C 300 -3.86 -33.40 19.84
C ALA C 300 -4.71 -32.82 18.73
N ALA C 301 -5.63 -33.62 18.18
CA ALA C 301 -6.54 -33.12 17.15
C ALA C 301 -7.47 -32.05 17.69
N TYR C 302 -7.82 -32.13 18.97
CA TYR C 302 -8.70 -31.13 19.56
C TYR C 302 -7.98 -29.80 19.72
N ILE C 303 -6.72 -29.83 20.14
CA ILE C 303 -5.93 -28.60 20.26
C ILE C 303 -5.70 -27.98 18.89
N GLN C 304 -5.43 -28.82 17.88
CA GLN C 304 -5.32 -28.35 16.50
C GLN C 304 -6.61 -27.71 16.01
N CYS C 305 -7.76 -28.32 16.32
CA CYS C 305 -9.04 -27.76 15.87
C CYS C 305 -9.37 -26.47 16.60
N GLN C 306 -8.93 -26.33 17.86
CA GLN C 306 -9.12 -25.06 18.57
C GLN C 306 -8.31 -23.95 17.93
N PHE C 307 -7.00 -24.17 17.71
CA PHE C 307 -6.17 -23.15 17.08
C PHE C 307 -6.61 -22.82 15.67
N GLU C 308 -7.06 -23.83 14.90
CA GLU C 308 -7.53 -23.53 13.56
C GLU C 308 -8.93 -22.93 13.58
N ASP C 309 -9.63 -23.03 14.71
CA ASP C 309 -10.90 -22.35 14.86
C ASP C 309 -10.71 -20.89 15.27
N LEU C 310 -9.50 -20.56 15.74
CA LEU C 310 -9.25 -19.20 16.24
C LEU C 310 -9.21 -18.13 15.14
N ASN C 311 -8.82 -18.47 13.91
CA ASN C 311 -8.75 -17.41 12.91
C ASN C 311 -10.14 -17.02 12.39
N LYS C 312 -10.41 -15.72 12.38
CA LYS C 312 -11.72 -15.25 11.95
C LYS C 312 -11.84 -15.29 10.44
N ARG C 313 -10.72 -15.27 9.74
CA ARG C 313 -10.70 -15.34 8.28
C ARG C 313 -10.04 -16.64 7.84
N LYS C 314 -10.72 -17.38 6.97
CA LYS C 314 -10.21 -18.63 6.43
C LYS C 314 -10.17 -18.66 4.92
N ASP C 315 -10.76 -17.66 4.27
CA ASP C 315 -10.81 -17.64 2.81
C ASP C 315 -9.51 -17.10 2.23
N THR C 316 -8.88 -16.15 2.92
CA THR C 316 -7.72 -15.48 2.35
C THR C 316 -6.41 -16.05 2.91
N LYS C 317 -6.43 -16.63 4.11
CA LYS C 317 -5.24 -17.22 4.70
C LYS C 317 -5.56 -18.61 5.21
N GLU C 318 -4.51 -19.43 5.33
CA GLU C 318 -4.68 -20.84 5.65
C GLU C 318 -3.59 -21.28 6.62
N ILE C 319 -4.00 -22.03 7.64
CA ILE C 319 -3.13 -22.45 8.74
C ILE C 319 -2.61 -23.85 8.44
N TYR C 320 -1.30 -24.04 8.56
CA TYR C 320 -0.68 -25.33 8.30
C TYR C 320 -0.13 -25.87 9.62
N THR C 321 -0.69 -26.96 10.09
CA THR C 321 -0.44 -27.45 11.45
C THR C 321 0.40 -28.73 11.39
N HIS C 322 1.45 -28.78 12.21
CA HIS C 322 2.39 -29.90 12.20
C HIS C 322 2.74 -30.27 13.64
N PHE C 323 2.42 -31.51 14.03
CA PHE C 323 2.82 -32.03 15.33
C PHE C 323 4.27 -32.49 15.27
N THR C 324 5.15 -31.83 16.01
CA THR C 324 6.58 -32.04 15.87
C THR C 324 7.23 -32.40 17.20
N CYS C 325 8.15 -33.36 17.15
CA CYS C 325 8.93 -33.71 18.32
C CYS C 325 10.14 -32.80 18.45
N ALA C 326 10.93 -33.04 19.49
CA ALA C 326 12.18 -32.30 19.64
C ALA C 326 13.25 -32.82 18.70
N THR C 327 13.17 -34.09 18.31
CA THR C 327 14.22 -34.75 17.56
C THR C 327 13.76 -35.29 16.20
N ASP C 328 12.62 -34.85 15.69
CA ASP C 328 12.16 -35.33 14.39
C ASP C 328 12.93 -34.65 13.27
N THR C 329 12.93 -35.30 12.09
CA THR C 329 13.83 -34.89 11.01
C THR C 329 13.13 -34.00 9.99
N LYS C 330 11.89 -34.33 9.62
CA LYS C 330 11.24 -33.78 8.44
C LYS C 330 10.62 -32.40 8.68
N ASN C 331 11.06 -31.68 9.70
CA ASN C 331 10.40 -30.43 10.05
C ASN C 331 10.69 -29.34 9.03
N VAL C 332 11.94 -29.28 8.56
CA VAL C 332 12.28 -28.32 7.51
C VAL C 332 11.65 -28.74 6.18
N GLN C 333 11.40 -30.04 6.00
CA GLN C 333 10.67 -30.50 4.83
C GLN C 333 9.22 -30.03 4.86
N PHE C 334 8.62 -29.99 6.06
CA PHE C 334 7.29 -29.42 6.19
C PHE C 334 7.30 -27.93 5.87
N VAL C 335 8.33 -27.21 6.33
CA VAL C 335 8.43 -25.78 6.03
C VAL C 335 8.56 -25.57 4.52
N PHE C 336 9.33 -26.42 3.86
CA PHE C 336 9.55 -26.31 2.43
C PHE C 336 8.27 -26.55 1.64
N ASP C 337 7.52 -27.60 2.00
CA ASP C 337 6.25 -27.90 1.32
C ASP C 337 5.24 -26.79 1.56
N ALA C 338 5.16 -26.30 2.79
CA ALA C 338 4.21 -25.25 3.14
C ALA C 338 4.51 -23.96 2.40
N VAL C 339 5.78 -23.57 2.35
CA VAL C 339 6.16 -22.30 1.71
C VAL C 339 5.97 -22.39 0.20
N THR C 340 6.27 -23.55 -0.40
CA THR C 340 6.06 -23.72 -1.84
C THR C 340 4.58 -23.63 -2.20
N ASP C 341 3.73 -24.21 -1.35
CA ASP C 341 2.28 -24.07 -1.53
C ASP C 341 1.83 -22.61 -1.41
N VAL C 342 2.39 -21.89 -0.45
CA VAL C 342 1.98 -20.50 -0.23
C VAL C 342 2.42 -19.62 -1.39
N ILE C 343 3.58 -19.93 -1.98
CA ILE C 343 4.06 -19.14 -3.12
C ILE C 343 3.20 -19.39 -4.36
N ILE C 344 2.81 -20.65 -4.59
CA ILE C 344 1.93 -20.96 -5.72
C ILE C 344 0.56 -20.29 -5.55
N LYS C 345 0.01 -20.33 -4.34
CA LYS C 345 -1.29 -19.69 -4.13
C LYS C 345 -1.19 -18.18 -4.16
N ASN C 346 -0.05 -17.62 -3.80
CA ASN C 346 0.13 -16.17 -3.91
C ASN C 346 0.19 -15.72 -5.35
N ASN C 347 0.86 -16.51 -6.20
CA ASN C 347 0.88 -16.21 -7.63
C ASN C 347 -0.52 -16.25 -8.23
N LEU C 348 -1.29 -17.29 -7.88
CA LEU C 348 -2.63 -17.40 -8.42
C LEU C 348 -3.56 -16.32 -7.89
N LYS C 349 -3.40 -15.92 -6.62
CA LYS C 349 -4.23 -14.85 -6.10
C LYS C 349 -3.81 -13.50 -6.66
N ASP C 350 -2.54 -13.39 -7.06
CA ASP C 350 -2.11 -12.19 -7.79
C ASP C 350 -2.80 -12.09 -9.13
N CYS C 351 -2.79 -13.16 -9.92
CA CYS C 351 -3.38 -13.09 -11.25
C CYS C 351 -4.91 -13.01 -11.24
N GLY C 352 -5.56 -13.39 -10.17
CA GLY C 352 -7.00 -13.50 -10.16
C GLY C 352 -7.51 -14.90 -10.44
N LEU C 353 -6.60 -15.87 -10.59
CA LEU C 353 -7.01 -17.24 -10.87
C LEU C 353 -7.35 -18.00 -9.60
N PHE C 354 -7.25 -17.35 -8.45
CA PHE C 354 -7.66 -17.93 -7.18
C PHE C 354 -8.04 -16.81 -6.22
N GLU D 7 2.67 4.27 54.13
CA GLU D 7 3.38 5.53 54.08
C GLU D 7 3.65 5.99 52.64
N LEU D 8 3.70 5.04 51.70
CA LEU D 8 3.88 5.42 50.31
C LEU D 8 2.57 5.93 49.72
N ASP D 9 1.46 5.68 50.41
CA ASP D 9 0.20 6.35 50.07
C ASP D 9 0.32 7.85 50.26
N GLN D 10 1.01 8.27 51.34
CA GLN D 10 1.32 9.69 51.56
C GLN D 10 2.18 10.24 50.43
N LEU D 11 3.18 9.47 49.98
CA LEU D 11 4.10 9.97 48.98
C LEU D 11 3.43 10.03 47.61
N ARG D 12 2.58 9.06 47.29
CA ARG D 12 1.79 9.10 46.07
C ARG D 12 0.77 10.23 46.11
N GLN D 13 0.22 10.52 47.29
CA GLN D 13 -0.67 11.65 47.44
C GLN D 13 0.07 12.97 47.27
N GLU D 14 1.33 13.02 47.71
CA GLU D 14 2.14 14.22 47.50
C GLU D 14 2.47 14.40 46.03
N ALA D 15 2.69 13.30 45.31
CA ALA D 15 2.87 13.37 43.86
C ALA D 15 1.62 13.89 43.17
N GLU D 16 0.44 13.42 43.59
CA GLU D 16 -0.81 13.90 43.02
C GLU D 16 -1.04 15.37 43.38
N GLN D 17 -0.62 15.78 44.57
CA GLN D 17 -0.73 17.18 44.99
C GLN D 17 0.16 18.06 44.13
N LEU D 18 1.37 17.60 43.82
CA LEU D 18 2.26 18.35 42.94
C LEU D 18 1.69 18.45 41.53
N LYS D 19 1.10 17.37 41.02
CA LYS D 19 0.50 17.43 39.68
C LYS D 19 -0.70 18.37 39.64
N ASN D 20 -1.51 18.36 40.70
CA ASN D 20 -2.65 19.27 40.77
C ASN D 20 -2.19 20.73 40.86
N GLN D 21 -1.12 20.97 41.62
CA GLN D 21 -0.60 22.33 41.74
C GLN D 21 0.03 22.81 40.44
N ILE D 22 0.67 21.90 39.70
CA ILE D 22 1.23 22.23 38.38
C ILE D 22 0.12 22.59 37.40
N ARG D 23 -0.95 21.78 37.37
CA ARG D 23 -2.08 22.08 36.48
C ARG D 23 -2.74 23.39 36.86
N ASP D 24 -2.87 23.66 38.15
CA ASP D 24 -3.53 24.89 38.57
C ASP D 24 -2.66 26.11 38.30
N ALA D 25 -1.33 25.96 38.40
CA ALA D 25 -0.44 27.07 38.09
C ALA D 25 -0.42 27.38 36.59
N ARG D 26 -0.35 26.35 35.75
CA ARG D 26 -0.37 26.61 34.31
C ARG D 26 -1.74 27.07 33.84
N LYS D 27 -2.80 26.72 34.58
CA LYS D 27 -4.10 27.30 34.28
C LYS D 27 -4.17 28.76 34.71
N ALA D 28 -3.49 29.09 35.80
CA ALA D 28 -3.45 30.47 36.26
C ALA D 28 -2.64 31.35 35.32
N CYS D 29 -1.69 30.77 34.60
CA CYS D 29 -0.96 31.51 33.58
C CYS D 29 -1.70 31.57 32.24
N ALA D 30 -2.84 30.90 32.10
CA ALA D 30 -3.56 30.83 30.83
C ALA D 30 -4.60 31.95 30.75
N ASP D 31 -4.13 33.12 30.33
CA ASP D 31 -5.02 34.27 30.23
C ASP D 31 -5.88 34.21 28.96
N ALA D 32 -5.31 33.79 27.85
CA ALA D 32 -6.04 33.74 26.59
C ALA D 32 -5.46 32.68 25.68
N THR D 33 -6.30 32.12 24.82
CA THR D 33 -5.85 31.14 23.86
C THR D 33 -5.14 31.82 22.68
N LEU D 34 -4.53 31.00 21.82
CA LEU D 34 -3.77 31.53 20.71
C LEU D 34 -4.67 32.10 19.63
N SER D 35 -5.80 31.44 19.37
CA SER D 35 -6.64 31.81 18.23
C SER D 35 -7.33 33.16 18.45
N GLN D 36 -7.57 33.52 19.70
CA GLN D 36 -8.08 34.85 20.01
C GLN D 36 -7.04 35.92 19.66
N ILE D 37 -5.75 35.59 19.80
CA ILE D 37 -4.71 36.53 19.44
C ILE D 37 -4.56 36.62 17.93
N THR D 38 -4.43 35.47 17.27
CA THR D 38 -4.17 35.41 15.84
C THR D 38 -5.43 35.51 15.00
N ASN D 39 -6.57 35.90 15.60
CA ASN D 39 -7.81 36.00 14.84
C ASN D 39 -7.76 37.16 13.85
N ASN D 40 -7.00 38.21 14.17
CA ASN D 40 -6.95 39.39 13.31
C ASN D 40 -5.98 39.19 12.14
N ILE D 41 -5.13 38.17 12.21
CA ILE D 41 -4.14 37.92 11.16
C ILE D 41 -4.85 37.47 9.88
N ASP D 42 -4.40 37.99 8.75
CA ASP D 42 -4.88 37.52 7.46
C ASP D 42 -4.38 36.09 7.21
N PRO D 43 -5.21 35.23 6.61
CA PRO D 43 -4.77 33.85 6.37
C PRO D 43 -3.68 33.75 5.32
N VAL D 44 -3.09 32.56 5.23
CA VAL D 44 -1.92 32.37 4.37
C VAL D 44 -2.33 32.18 2.92
N GLY D 45 -3.61 31.91 2.67
CA GLY D 45 -4.06 31.63 1.33
C GLY D 45 -4.11 30.15 1.07
N ARG D 46 -4.27 29.76 -0.18
CA ARG D 46 -4.29 28.34 -0.56
C ARG D 46 -2.90 27.98 -1.06
N ILE D 47 -2.26 27.03 -0.39
CA ILE D 47 -0.88 26.68 -0.68
C ILE D 47 -0.89 25.49 -1.63
N GLN D 48 -0.74 25.77 -2.92
CA GLN D 48 -0.71 24.75 -3.95
C GLN D 48 0.74 24.48 -4.31
N MET D 49 1.24 23.31 -3.95
CA MET D 49 2.60 22.91 -4.24
C MET D 49 2.59 21.69 -5.13
N ARG D 50 3.18 21.80 -6.30
CA ARG D 50 3.28 20.69 -7.24
C ARG D 50 4.59 19.96 -6.99
N THR D 51 4.58 18.66 -7.19
CA THR D 51 5.78 17.87 -6.99
C THR D 51 6.83 18.15 -8.06
N ARG D 52 8.09 17.97 -7.69
CA ARG D 52 9.23 18.07 -8.57
C ARG D 52 10.19 16.94 -8.21
N ARG D 53 10.97 16.49 -9.19
CA ARG D 53 12.14 15.63 -8.98
C ARG D 53 11.78 14.33 -8.25
N THR D 54 10.71 13.68 -8.70
CA THR D 54 10.32 12.39 -8.14
C THR D 54 11.41 11.37 -8.37
N LEU D 55 11.99 10.89 -7.28
CA LEU D 55 13.25 10.16 -7.33
C LEU D 55 13.05 8.81 -6.68
N ARG D 56 13.54 7.77 -7.35
CA ARG D 56 13.11 6.41 -7.09
C ARG D 56 14.30 5.45 -7.15
N GLY D 57 14.07 4.24 -6.65
CA GLY D 57 15.10 3.23 -6.61
C GLY D 57 15.20 2.53 -5.27
N HIS D 58 14.26 2.75 -4.38
CA HIS D 58 14.05 1.87 -3.24
C HIS D 58 13.09 0.78 -3.67
N LEU D 59 13.30 -0.43 -3.15
CA LEU D 59 12.48 -1.57 -3.50
C LEU D 59 11.69 -2.10 -2.30
N ALA D 60 11.47 -1.27 -1.30
CA ALA D 60 10.68 -1.62 -0.13
C ALA D 60 10.25 -0.31 0.53
N LYS D 61 9.59 -0.43 1.67
CA LYS D 61 8.98 0.74 2.30
C LYS D 61 10.04 1.68 2.87
N ILE D 62 9.94 2.96 2.53
CA ILE D 62 10.85 3.98 3.05
C ILE D 62 10.36 4.35 4.44
N TYR D 63 11.25 4.26 5.43
CA TYR D 63 10.83 4.59 6.79
C TYR D 63 11.28 5.98 7.21
N ALA D 64 12.52 6.35 6.96
CA ALA D 64 12.96 7.65 7.40
C ALA D 64 13.85 8.31 6.37
N MET D 65 13.87 9.64 6.38
CA MET D 65 14.75 10.42 5.54
C MET D 65 15.13 11.69 6.28
N HIS D 66 16.26 12.27 5.89
CA HIS D 66 16.74 13.51 6.51
C HIS D 66 17.50 14.29 5.45
N TRP D 67 17.38 15.61 5.51
CA TRP D 67 18.05 16.48 4.55
C TRP D 67 19.49 16.77 4.94
N GLY D 68 20.24 17.28 3.99
CA GLY D 68 21.52 17.86 4.30
C GLY D 68 21.40 19.31 4.69
N THR D 69 22.44 19.81 5.36
CA THR D 69 22.39 21.21 5.81
C THR D 69 22.69 22.18 4.69
N ASP D 70 23.27 21.69 3.60
CA ASP D 70 23.41 22.53 2.42
C ASP D 70 22.13 22.59 1.59
N SER D 71 21.15 21.75 1.94
CA SER D 71 19.87 21.50 1.28
C SER D 71 20.04 20.96 -0.13
N ARG D 72 21.22 20.43 -0.45
CA ARG D 72 21.56 19.89 -1.74
C ARG D 72 21.26 18.39 -1.78
N LEU D 73 21.74 17.66 -0.79
CA LEU D 73 21.63 16.20 -0.74
C LEU D 73 20.63 15.81 0.34
N LEU D 74 20.15 14.57 0.25
CA LEU D 74 19.38 13.97 1.32
C LEU D 74 19.67 12.48 1.36
N VAL D 75 19.38 11.86 2.51
CA VAL D 75 19.54 10.44 2.71
C VAL D 75 18.15 9.87 3.00
N SER D 76 17.89 8.65 2.53
CA SER D 76 16.63 7.96 2.81
C SER D 76 16.92 6.49 3.03
N ALA D 77 16.17 5.87 3.94
CA ALA D 77 16.42 4.50 4.35
C ALA D 77 15.19 3.63 4.18
N SER D 78 15.39 2.38 3.76
CA SER D 78 14.29 1.47 3.47
C SER D 78 14.64 0.05 3.87
N GLN D 79 13.61 -0.81 3.85
CA GLN D 79 13.75 -2.21 4.21
C GLN D 79 14.36 -3.07 3.12
N ASP D 80 14.85 -2.51 2.02
CA ASP D 80 15.61 -3.33 1.09
C ASP D 80 17.03 -3.61 1.59
N GLY D 81 17.41 -3.05 2.74
CA GLY D 81 18.71 -3.26 3.31
C GLY D 81 19.70 -2.19 2.94
N LYS D 82 19.24 -1.10 2.35
CA LYS D 82 20.11 -0.06 1.82
C LYS D 82 19.56 1.31 2.16
N LEU D 83 20.44 2.24 2.45
CA LEU D 83 20.09 3.64 2.48
C LEU D 83 20.91 4.36 1.43
N ILE D 84 20.27 5.29 0.73
CA ILE D 84 20.76 5.87 -0.50
C ILE D 84 20.90 7.36 -0.28
N ILE D 85 22.04 7.92 -0.65
CA ILE D 85 22.29 9.35 -0.53
C ILE D 85 21.99 9.99 -1.88
N TRP D 86 20.98 10.84 -1.91
CA TRP D 86 20.40 11.34 -3.14
C TRP D 86 20.91 12.74 -3.43
N ASP D 87 20.82 13.16 -4.68
CA ASP D 87 21.12 14.53 -5.08
C ASP D 87 19.81 15.15 -5.58
N SER D 88 19.14 15.94 -4.73
CA SER D 88 17.75 16.31 -4.98
C SER D 88 17.60 17.28 -6.14
N TYR D 89 18.68 17.96 -6.52
CA TYR D 89 18.65 18.88 -7.65
C TYR D 89 18.55 18.15 -8.98
N THR D 90 19.26 17.02 -9.11
CA THR D 90 19.37 16.31 -10.36
C THR D 90 19.03 14.84 -10.25
N THR D 91 18.45 14.40 -9.11
CA THR D 91 17.94 13.04 -8.86
C THR D 91 19.01 11.95 -9.05
N ASN D 92 20.28 12.32 -8.90
CA ASN D 92 21.36 11.37 -8.98
C ASN D 92 21.57 10.69 -7.64
N LYS D 93 21.99 9.43 -7.69
CA LYS D 93 22.30 8.70 -6.48
C LYS D 93 23.78 8.87 -6.19
N VAL D 94 24.09 9.68 -5.19
CA VAL D 94 25.48 9.96 -4.86
C VAL D 94 26.14 8.74 -4.23
N HIS D 95 25.39 8.03 -3.38
CA HIS D 95 25.88 6.80 -2.75
C HIS D 95 24.73 5.83 -2.56
N ALA D 96 25.08 4.56 -2.42
CA ALA D 96 24.14 3.52 -2.04
C ALA D 96 24.84 2.59 -1.07
N ILE D 97 24.46 2.67 0.20
CA ILE D 97 25.19 2.05 1.30
C ILE D 97 24.46 0.79 1.71
N PRO D 98 25.06 -0.37 1.61
CA PRO D 98 24.38 -1.59 2.07
C PRO D 98 24.45 -1.76 3.58
N LEU D 99 23.29 -1.86 4.22
CA LEU D 99 23.26 -1.95 5.67
C LEU D 99 23.63 -3.36 6.12
N ARG D 100 24.15 -3.46 7.33
CA ARG D 100 24.45 -4.76 7.92
C ARG D 100 23.17 -5.51 8.23
N SER D 101 22.15 -4.80 8.70
CA SER D 101 20.85 -5.37 9.02
C SER D 101 19.79 -4.63 8.23
N SER D 102 18.86 -5.38 7.64
CA SER D 102 17.85 -4.78 6.78
C SER D 102 16.85 -3.97 7.59
N TRP D 103 16.65 -4.32 8.85
CA TRP D 103 15.53 -3.79 9.62
C TRP D 103 15.91 -2.42 10.16
N VAL D 104 15.43 -1.38 9.50
CA VAL D 104 15.85 0.00 9.73
C VAL D 104 14.61 0.87 9.81
N MET D 105 14.58 1.78 10.78
CA MET D 105 13.45 2.68 10.91
C MET D 105 13.84 4.08 11.33
N THR D 106 15.13 4.44 11.26
CA THR D 106 15.57 5.82 11.40
C THR D 106 16.90 6.01 10.69
N CYS D 107 17.19 7.25 10.32
CA CYS D 107 18.48 7.65 9.75
C CYS D 107 18.64 9.14 9.92
N ALA D 108 19.89 9.58 10.09
CA ALA D 108 20.20 10.99 10.24
C ALA D 108 21.35 11.38 9.32
N TYR D 109 21.40 12.65 8.94
CA TYR D 109 22.47 13.19 8.14
C TYR D 109 23.17 14.26 8.98
N ALA D 110 24.50 14.23 8.99
CA ALA D 110 25.27 15.07 9.90
C ALA D 110 25.18 16.54 9.49
N PRO D 111 25.42 17.47 10.42
CA PRO D 111 25.48 18.87 10.02
C PRO D 111 26.71 19.20 9.20
N SER D 112 27.80 18.48 9.40
CA SER D 112 28.99 18.71 8.60
C SER D 112 28.86 18.04 7.24
N GLY D 113 28.02 17.03 7.12
CA GLY D 113 27.89 16.30 5.88
C GLY D 113 28.87 15.16 5.73
N ASN D 114 29.62 14.83 6.78
CA ASN D 114 30.64 13.79 6.65
C ASN D 114 30.08 12.42 7.01
N TYR D 115 29.15 12.36 7.94
CA TYR D 115 28.69 11.11 8.51
C TYR D 115 27.20 10.95 8.26
N VAL D 116 26.72 9.72 8.27
CA VAL D 116 25.29 9.44 8.37
C VAL D 116 25.07 8.42 9.49
N ALA D 117 23.89 8.45 10.07
CA ALA D 117 23.51 7.52 11.13
C ALA D 117 22.41 6.60 10.64
N CYS D 118 22.24 5.48 11.30
CA CYS D 118 21.30 4.45 10.89
C CYS D 118 21.03 3.49 12.04
N GLY D 119 19.76 3.22 12.29
CA GLY D 119 19.38 2.29 13.34
C GLY D 119 17.96 1.80 13.14
N GLY D 120 17.62 0.75 13.86
CA GLY D 120 16.32 0.16 13.72
C GLY D 120 16.06 -0.93 14.71
N LEU D 121 15.53 -2.05 14.21
CA LEU D 121 15.19 -3.19 15.06
C LEU D 121 16.42 -3.97 15.47
N ASP D 122 17.59 -3.63 14.92
CA ASP D 122 18.83 -4.24 15.35
C ASP D 122 19.36 -3.57 16.62
N ASN D 123 18.69 -2.51 17.08
CA ASN D 123 18.95 -1.67 18.25
C ASN D 123 20.42 -1.28 18.41
N ILE D 124 21.07 -0.99 17.28
CA ILE D 124 22.45 -0.54 17.22
C ILE D 124 22.52 0.62 16.22
N CYS D 125 22.74 1.83 16.72
CA CYS D 125 22.77 3.03 15.86
C CYS D 125 24.16 3.12 15.25
N SER D 126 24.26 2.83 13.96
CA SER D 126 25.53 2.68 13.26
C SER D 126 25.92 4.00 12.63
N ILE D 127 27.23 4.26 12.57
CA ILE D 127 27.76 5.48 12.00
C ILE D 127 28.56 5.12 10.76
N TYR D 128 28.26 5.79 9.65
CA TYR D 128 28.92 5.55 8.38
C TYR D 128 29.75 6.76 8.00
N ASN D 129 30.98 6.53 7.55
CA ASN D 129 31.89 7.59 7.18
C ASN D 129 31.84 7.74 5.66
N LEU D 130 31.42 8.90 5.18
CA LEU D 130 31.23 9.08 3.74
C LEU D 130 32.51 9.48 3.04
N LYS D 131 33.18 10.50 3.53
CA LYS D 131 34.33 11.08 2.86
C LYS D 131 35.59 10.40 3.37
N THR D 132 36.13 9.47 2.59
CA THR D 132 37.33 8.77 3.00
C THR D 132 38.16 8.39 1.80
N ARG D 133 39.45 8.21 2.02
CA ARG D 133 40.35 7.69 1.01
C ARG D 133 40.05 6.21 0.77
N GLU D 134 40.35 5.75 -0.45
CA GLU D 134 39.82 4.51 -1.02
C GLU D 134 38.31 4.50 -0.92
N GLY D 135 37.70 5.43 -1.65
CA GLY D 135 36.33 5.86 -1.43
C GLY D 135 35.26 4.81 -1.53
N ASN D 136 34.80 4.38 -0.36
CA ASN D 136 33.62 3.55 -0.19
C ASN D 136 33.08 3.86 1.19
N VAL D 137 31.79 3.67 1.38
CA VAL D 137 31.23 4.04 2.67
C VAL D 137 31.45 2.90 3.65
N ARG D 138 32.31 3.13 4.63
CA ARG D 138 32.63 2.12 5.63
C ARG D 138 32.00 2.50 6.96
N VAL D 139 31.97 1.54 7.88
CA VAL D 139 31.35 1.71 9.18
C VAL D 139 32.44 2.21 10.13
N SER D 140 32.32 3.45 10.57
CA SER D 140 33.35 4.00 11.44
C SER D 140 33.18 3.50 12.87
N ARG D 141 32.07 3.85 13.52
CA ARG D 141 31.78 3.38 14.86
C ARG D 141 30.37 2.82 14.86
N GLU D 142 30.10 1.93 15.81
CA GLU D 142 28.88 1.15 15.79
C GLU D 142 28.32 1.09 17.21
N LEU D 143 27.36 1.97 17.50
CA LEU D 143 26.97 2.22 18.88
C LEU D 143 25.93 1.21 19.35
N ALA D 144 26.32 0.37 20.30
CA ALA D 144 25.48 -0.73 20.73
C ALA D 144 25.14 -0.56 22.20
N GLY D 145 24.37 -1.52 22.71
CA GLY D 145 23.97 -1.49 24.10
C GLY D 145 22.70 -0.71 24.38
N HIS D 146 21.67 -0.84 23.55
CA HIS D 146 20.51 0.01 23.80
C HIS D 146 19.25 -0.82 24.02
N THR D 147 19.31 -2.14 23.77
CA THR D 147 18.32 -3.18 24.10
C THR D 147 16.86 -2.84 23.75
N GLY D 148 16.60 -1.96 22.78
CA GLY D 148 15.26 -1.73 22.28
C GLY D 148 15.36 -0.92 21.02
N TYR D 149 14.34 -1.07 20.15
CA TYR D 149 14.39 -0.58 18.77
C TYR D 149 14.63 0.93 18.72
N LEU D 150 15.51 1.35 17.82
CA LEU D 150 15.87 2.75 17.72
C LEU D 150 14.83 3.45 16.87
N SER D 151 14.22 4.50 17.41
CA SER D 151 13.17 5.14 16.63
C SER D 151 13.67 6.44 16.01
N CYS D 152 14.69 7.07 16.61
CA CYS D 152 15.24 8.30 16.04
C CYS D 152 16.65 8.51 16.56
N CYS D 153 17.59 8.69 15.62
CA CYS D 153 18.95 9.16 15.92
C CYS D 153 19.10 10.54 15.31
N ARG D 154 19.77 11.46 16.02
CA ARG D 154 20.09 12.79 15.50
C ARG D 154 21.49 13.21 15.93
N PHE D 155 22.23 13.83 15.01
CA PHE D 155 23.56 14.34 15.28
C PHE D 155 23.47 15.70 15.97
N LEU D 156 24.19 15.87 17.09
CA LEU D 156 24.48 17.21 17.56
C LEU D 156 25.64 17.82 16.79
N ASP D 157 26.72 17.07 16.65
CA ASP D 157 27.94 17.48 15.98
C ASP D 157 28.44 16.28 15.21
N ASP D 158 29.71 16.32 14.79
CA ASP D 158 30.31 15.14 14.19
C ASP D 158 30.59 14.07 15.24
N ASN D 159 30.66 14.46 16.51
CA ASN D 159 31.12 13.53 17.52
C ASN D 159 30.00 13.15 18.50
N GLN D 160 28.95 13.95 18.58
CA GLN D 160 27.87 13.70 19.52
C GLN D 160 26.57 13.44 18.79
N ILE D 161 25.99 12.27 19.05
CA ILE D 161 24.71 11.86 18.52
C ILE D 161 23.81 11.50 19.70
N VAL D 162 22.55 11.88 19.59
CA VAL D 162 21.54 11.56 20.59
C VAL D 162 20.55 10.60 19.93
N THR D 163 20.01 9.66 20.69
CA THR D 163 19.02 8.75 20.15
C THR D 163 17.83 8.70 21.09
N SER D 164 16.69 8.28 20.57
CA SER D 164 15.51 7.95 21.36
C SER D 164 14.99 6.62 20.87
N SER D 165 14.75 5.69 21.79
CA SER D 165 14.57 4.31 21.39
C SER D 165 13.57 3.55 22.24
N GLY D 166 13.42 2.27 21.88
CA GLY D 166 12.25 1.51 22.27
C GLY D 166 12.29 0.96 23.68
N ASP D 167 13.32 1.26 24.46
CA ASP D 167 13.33 0.88 25.86
C ASP D 167 13.11 2.05 26.78
N THR D 168 12.24 2.99 26.40
CA THR D 168 11.77 4.14 27.18
C THR D 168 12.89 5.08 27.60
N THR D 169 14.05 5.08 26.94
CA THR D 169 15.14 5.93 27.35
C THR D 169 15.76 6.60 26.12
N CYS D 170 16.37 7.76 26.34
CA CYS D 170 17.17 8.45 25.34
C CYS D 170 18.61 8.42 25.84
N ALA D 171 19.56 8.74 24.97
CA ALA D 171 20.97 8.68 25.33
C ALA D 171 21.81 9.55 24.42
N LEU D 172 22.72 10.31 25.03
CA LEU D 172 23.75 11.00 24.28
C LEU D 172 24.99 10.11 24.16
N TRP D 173 25.63 10.10 22.98
CA TRP D 173 26.88 9.38 22.82
C TRP D 173 28.04 10.30 22.51
N ASP D 174 29.21 9.78 22.77
CA ASP D 174 30.47 10.29 22.25
C ASP D 174 30.97 9.20 21.31
N ILE D 175 30.94 9.48 20.01
CA ILE D 175 31.09 8.45 18.98
C ILE D 175 32.50 7.88 18.99
N GLU D 176 33.51 8.72 19.25
CA GLU D 176 34.90 8.27 19.16
C GLU D 176 35.25 7.33 20.29
N THR D 177 34.75 7.59 21.49
CA THR D 177 34.93 6.64 22.58
C THR D 177 34.06 5.40 22.36
N GLY D 178 32.80 5.61 22.00
CA GLY D 178 31.88 4.51 21.77
C GLY D 178 30.89 4.27 22.88
N GLN D 179 30.95 5.03 23.97
CA GLN D 179 30.10 4.81 25.13
C GLN D 179 29.09 5.94 25.23
N GLN D 180 27.95 5.63 25.84
CA GLN D 180 26.93 6.64 26.06
C GLN D 180 27.28 7.46 27.29
N THR D 181 27.42 8.78 27.09
CA THR D 181 27.85 9.64 28.17
C THR D 181 26.71 9.96 29.12
N THR D 182 25.57 10.37 28.58
CA THR D 182 24.44 10.80 29.36
C THR D 182 23.27 9.90 29.01
N THR D 183 22.51 9.50 30.02
CA THR D 183 21.36 8.62 29.84
C THR D 183 20.13 9.32 30.35
N PHE D 184 19.10 9.37 29.53
CA PHE D 184 17.87 10.12 29.78
C PHE D 184 16.75 9.15 30.11
N THR D 185 16.29 9.18 31.35
CA THR D 185 15.22 8.30 31.80
C THR D 185 14.05 9.14 32.31
N GLY D 186 12.90 8.50 32.45
CA GLY D 186 11.73 9.19 32.95
C GLY D 186 10.46 8.87 32.21
N HIS D 187 10.52 7.94 31.26
CA HIS D 187 9.36 7.55 30.47
C HIS D 187 8.79 6.23 30.93
N THR D 188 7.47 6.10 30.83
CA THR D 188 6.84 4.81 31.09
C THR D 188 6.68 4.02 29.80
N GLY D 189 6.38 4.72 28.69
CA GLY D 189 6.27 4.09 27.40
C GLY D 189 7.45 4.46 26.51
N ASP D 190 7.69 3.65 25.49
CA ASP D 190 8.86 3.83 24.65
C ASP D 190 8.71 5.05 23.75
N VAL D 191 9.82 5.67 23.40
CA VAL D 191 9.81 6.94 22.71
C VAL D 191 9.95 6.73 21.21
N MET D 192 9.16 7.49 20.45
CA MET D 192 9.11 7.29 19.01
C MET D 192 9.89 8.37 18.27
N SER D 193 10.15 9.51 18.91
CA SER D 193 10.73 10.62 18.19
C SER D 193 11.60 11.47 19.08
N LEU D 194 12.21 12.47 18.45
CA LEU D 194 13.22 13.33 19.04
C LEU D 194 13.35 14.54 18.13
N SER D 195 13.72 15.68 18.70
CA SER D 195 13.88 16.89 17.91
C SER D 195 14.85 17.82 18.63
N LEU D 196 16.02 18.05 18.03
CA LEU D 196 16.99 18.96 18.61
C LEU D 196 16.56 20.41 18.41
N ALA D 197 17.01 21.27 19.32
CA ALA D 197 16.72 22.68 19.24
C ALA D 197 17.66 23.36 18.25
N PRO D 198 17.30 24.55 17.76
CA PRO D 198 18.26 25.30 16.93
C PRO D 198 19.56 25.66 17.64
N ASP D 199 19.53 25.98 18.94
CA ASP D 199 20.77 26.25 19.64
C ASP D 199 21.43 24.98 20.15
N THR D 200 20.76 23.84 20.02
CA THR D 200 21.21 22.46 20.32
C THR D 200 21.66 22.24 21.75
N ARG D 201 21.34 23.14 22.68
CA ARG D 201 21.67 22.89 24.09
C ARG D 201 20.66 21.94 24.71
N LEU D 202 19.47 21.84 24.12
CA LEU D 202 18.35 21.13 24.70
C LEU D 202 17.58 20.43 23.58
N PHE D 203 16.79 19.42 23.94
CA PHE D 203 15.96 18.75 22.95
C PHE D 203 14.70 18.22 23.60
N VAL D 204 13.77 17.77 22.75
CA VAL D 204 12.48 17.25 23.16
C VAL D 204 12.37 15.83 22.61
N SER D 205 11.84 14.91 23.41
CA SER D 205 11.49 13.58 22.96
C SER D 205 10.01 13.33 23.21
N GLY D 206 9.41 12.48 22.39
CA GLY D 206 8.02 12.13 22.55
C GLY D 206 7.82 10.63 22.65
N ALA D 207 6.88 10.22 23.49
CA ALA D 207 6.78 8.84 23.92
C ALA D 207 5.45 8.20 23.54
N CYS D 208 5.34 6.92 23.91
CA CYS D 208 4.08 6.22 23.76
C CYS D 208 3.22 6.33 25.02
N ASP D 209 3.67 7.11 26.01
CA ASP D 209 2.80 7.44 27.13
C ASP D 209 2.11 8.78 26.93
N ALA D 210 1.94 9.18 25.67
CA ALA D 210 1.25 10.41 25.24
C ALA D 210 1.85 11.67 25.85
N SER D 211 3.14 11.67 26.14
CA SER D 211 3.77 12.77 26.86
C SER D 211 5.09 13.13 26.20
N ALA D 212 5.25 14.41 25.89
CA ALA D 212 6.50 14.94 25.37
C ALA D 212 7.22 15.66 26.50
N LYS D 213 8.53 15.48 26.57
CA LYS D 213 9.32 16.02 27.67
C LYS D 213 10.52 16.79 27.14
N LEU D 214 10.98 17.76 27.93
CA LEU D 214 12.11 18.60 27.57
C LEU D 214 13.33 18.19 28.38
N TRP D 215 14.45 17.96 27.71
CA TRP D 215 15.70 17.71 28.41
C TRP D 215 16.72 18.80 28.17
N ASP D 216 17.66 18.92 29.09
CA ASP D 216 18.88 19.68 28.87
C ASP D 216 19.99 18.65 28.66
N VAL D 217 20.84 18.89 27.66
CA VAL D 217 21.83 17.90 27.27
C VAL D 217 22.98 17.88 28.28
N ARG D 218 23.44 19.06 28.69
CA ARG D 218 24.54 19.12 29.66
C ARG D 218 24.10 18.70 31.05
N GLU D 219 22.92 19.15 31.47
CA GLU D 219 22.44 18.84 32.83
C GLU D 219 22.08 17.37 32.98
N GLY D 220 21.29 16.84 32.06
CA GLY D 220 21.03 15.41 32.03
C GLY D 220 19.66 14.97 32.51
N MET D 221 18.84 15.87 33.03
CA MET D 221 17.54 15.49 33.56
C MET D 221 16.43 16.22 32.82
N CYS D 222 15.22 15.67 32.90
CA CYS D 222 14.07 16.26 32.24
C CYS D 222 13.72 17.61 32.85
N ARG D 223 13.67 18.65 32.02
CA ARG D 223 13.35 19.97 32.53
C ARG D 223 11.87 20.09 32.84
N GLN D 224 11.01 19.64 31.92
CA GLN D 224 9.57 19.79 32.08
C GLN D 224 8.87 18.78 31.17
N THR D 225 7.60 18.52 31.48
CA THR D 225 6.85 17.43 30.88
C THR D 225 5.52 17.95 30.38
N PHE D 226 5.21 17.67 29.12
CA PHE D 226 4.05 18.21 28.44
C PHE D 226 3.08 17.08 28.15
N THR D 227 1.84 17.26 28.59
CA THR D 227 0.77 16.31 28.35
C THR D 227 -0.33 17.00 27.56
N GLY D 228 -1.45 16.32 27.40
CA GLY D 228 -2.54 16.95 26.69
C GLY D 228 -3.45 16.06 25.87
N HIS D 229 -3.01 14.89 25.43
CA HIS D 229 -3.87 14.01 24.65
C HIS D 229 -3.69 12.54 25.01
N GLU D 230 -4.37 11.68 24.24
CA GLU D 230 -4.66 10.32 24.70
C GLU D 230 -3.64 9.32 24.18
N SER D 231 -3.49 9.22 22.86
CA SER D 231 -2.78 8.07 22.32
C SER D 231 -1.28 8.37 22.22
N ASP D 232 -0.52 7.32 21.89
CA ASP D 232 0.92 7.41 21.67
C ASP D 232 1.27 8.40 20.57
N ILE D 233 2.46 8.99 20.65
CA ILE D 233 2.80 10.02 19.66
C ILE D 233 3.94 9.51 18.79
N ASN D 234 4.02 10.02 17.57
CA ASN D 234 4.90 9.43 16.59
C ASN D 234 5.93 10.42 16.07
N ALA D 235 5.65 11.72 16.18
CA ALA D 235 6.57 12.72 15.67
C ALA D 235 6.48 14.01 16.46
N ILE D 236 7.63 14.66 16.61
CA ILE D 236 7.72 16.04 17.11
C ILE D 236 8.75 16.77 16.28
N CYS D 237 8.61 18.08 16.20
CA CYS D 237 9.58 18.95 15.56
C CYS D 237 9.57 20.29 16.25
N PHE D 238 10.74 20.87 16.45
CA PHE D 238 10.85 22.22 16.97
C PHE D 238 10.34 23.26 15.99
N PHE D 239 9.53 24.18 16.50
CA PHE D 239 9.34 25.47 15.88
C PHE D 239 10.69 26.16 15.78
N PRO D 240 10.98 26.84 14.67
CA PRO D 240 12.37 27.25 14.43
C PRO D 240 12.89 28.35 15.35
N ASN D 241 12.00 29.01 16.08
CA ASN D 241 12.42 29.90 17.16
C ASN D 241 13.11 29.12 18.26
N GLY D 242 12.61 27.93 18.56
CA GLY D 242 13.11 27.11 19.65
C GLY D 242 12.29 27.22 20.92
N ASN D 243 11.41 28.22 21.01
CA ASN D 243 10.62 28.39 22.23
C ASN D 243 9.31 27.62 22.14
N ALA D 244 9.04 26.97 21.02
CA ALA D 244 7.84 26.15 20.85
C ALA D 244 8.19 24.91 20.06
N PHE D 245 7.28 23.95 20.05
CA PHE D 245 7.39 22.79 19.17
C PHE D 245 6.02 22.16 18.97
N ALA D 246 5.92 21.34 17.93
CA ALA D 246 4.67 20.68 17.58
C ALA D 246 4.80 19.19 17.84
N THR D 247 3.65 18.52 17.90
CA THR D 247 3.56 17.13 18.34
C THR D 247 2.65 16.35 17.39
N GLY D 248 3.18 15.31 16.76
CA GLY D 248 2.36 14.49 15.89
C GLY D 248 1.87 13.23 16.55
N SER D 249 0.59 13.22 16.93
CA SER D 249 0.08 12.15 17.74
C SER D 249 -0.59 11.09 16.87
N ASP D 250 -0.97 9.97 17.48
CA ASP D 250 -1.66 8.92 16.75
C ASP D 250 -3.16 9.19 16.67
N ASP D 251 -3.71 9.95 17.61
CA ASP D 251 -5.15 10.18 17.60
C ASP D 251 -5.55 11.37 16.74
N ALA D 252 -4.99 11.45 15.54
CA ALA D 252 -5.41 12.36 14.46
C ALA D 252 -5.32 13.83 14.85
N THR D 253 -4.46 14.15 15.81
CA THR D 253 -4.31 15.53 16.26
C THR D 253 -2.85 15.91 16.28
N CYS D 254 -2.58 17.14 15.84
CA CYS D 254 -1.31 17.79 16.08
C CYS D 254 -1.52 18.86 17.13
N ARG D 255 -0.64 18.92 18.12
CA ARG D 255 -0.69 19.98 19.11
C ARG D 255 0.55 20.84 19.02
N LEU D 256 0.42 22.10 19.39
CA LEU D 256 1.55 23.02 19.48
C LEU D 256 1.81 23.30 20.96
N PHE D 257 3.04 23.08 21.39
CA PHE D 257 3.42 23.19 22.79
C PHE D 257 4.39 24.35 22.97
N ASP D 258 4.35 24.97 24.14
CA ASP D 258 5.22 26.10 24.44
C ASP D 258 6.25 25.67 25.47
N LEU D 259 7.50 26.08 25.28
CA LEU D 259 8.52 25.75 26.27
C LEU D 259 8.43 26.67 27.47
N ARG D 260 8.10 27.94 27.25
CA ARG D 260 8.09 28.89 28.35
C ARG D 260 6.73 28.98 29.02
N ALA D 261 5.65 28.82 28.25
CA ALA D 261 4.32 28.87 28.84
C ALA D 261 3.89 27.49 29.36
N ASP D 262 4.71 26.47 29.11
CA ASP D 262 4.67 25.13 29.71
C ASP D 262 3.45 24.29 29.33
N GLN D 263 2.50 24.83 28.57
CA GLN D 263 1.26 24.09 28.36
C GLN D 263 0.97 23.92 26.87
N GLU D 264 -0.12 23.23 26.60
CA GLU D 264 -0.66 23.13 25.25
C GLU D 264 -1.09 24.50 24.75
N LEU D 265 -0.71 24.83 23.52
CA LEU D 265 -1.07 26.14 22.99
C LEU D 265 -2.25 26.05 22.02
N MET D 266 -2.23 25.09 21.11
CA MET D 266 -3.37 24.88 20.22
C MET D 266 -3.32 23.45 19.68
N THR D 267 -4.43 23.05 19.02
CA THR D 267 -4.59 21.70 18.49
C THR D 267 -5.05 21.78 17.05
N TYR D 268 -4.44 20.98 16.17
CA TYR D 268 -4.75 20.94 14.76
C TYR D 268 -5.56 19.67 14.49
N SER D 269 -6.88 19.81 14.42
CA SER D 269 -7.74 18.66 14.27
C SER D 269 -8.74 18.91 13.15
N HIS D 270 -9.35 17.83 12.68
CA HIS D 270 -10.32 17.90 11.60
C HIS D 270 -11.16 16.62 11.67
N ASP D 271 -12.40 16.69 11.19
CA ASP D 271 -13.31 15.57 11.36
C ASP D 271 -13.07 14.49 10.30
N ASN D 272 -12.60 14.88 9.12
CA ASN D 272 -12.46 13.92 8.03
C ASN D 272 -11.27 12.99 8.24
N ILE D 273 -10.35 13.37 9.11
CA ILE D 273 -9.17 12.58 9.41
C ILE D 273 -9.37 11.85 10.73
N ILE D 274 -9.07 10.56 10.73
CA ILE D 274 -9.07 9.75 11.94
C ILE D 274 -7.80 8.92 12.08
N CYS D 275 -6.90 8.99 11.10
CA CYS D 275 -5.71 8.15 11.10
C CYS D 275 -4.57 8.81 11.85
N GLY D 276 -3.48 8.07 12.00
CA GLY D 276 -2.36 8.57 12.77
C GLY D 276 -1.52 9.54 11.97
N ILE D 277 -0.60 10.21 12.67
CA ILE D 277 0.25 11.23 12.09
C ILE D 277 1.69 10.76 12.23
N THR D 278 2.32 10.42 11.12
CA THR D 278 3.63 9.79 11.17
C THR D 278 4.77 10.79 11.25
N SER D 279 4.61 11.97 10.68
CA SER D 279 5.71 12.91 10.60
C SER D 279 5.22 14.34 10.71
N VAL D 280 6.05 15.19 11.30
CA VAL D 280 5.75 16.62 11.51
C VAL D 280 7.02 17.41 11.24
N SER D 281 6.90 18.50 10.47
CA SER D 281 7.98 19.49 10.40
C SER D 281 7.39 20.85 10.14
N PHE D 282 8.21 21.88 10.33
CA PHE D 282 7.85 23.27 10.13
C PHE D 282 8.55 23.85 8.91
N SER D 283 7.99 24.90 8.35
CA SER D 283 8.70 25.72 7.38
C SER D 283 9.68 26.66 8.10
N LYS D 284 10.44 27.44 7.32
CA LYS D 284 11.43 28.34 7.94
C LYS D 284 10.78 29.47 8.72
N SER D 285 9.69 30.03 8.21
CA SER D 285 9.01 31.07 8.94
C SER D 285 8.27 30.49 10.14
N GLY D 286 7.98 29.20 10.11
CA GLY D 286 7.23 28.53 11.15
C GLY D 286 5.74 28.69 11.01
N ARG D 287 5.28 29.38 9.97
CA ARG D 287 3.85 29.61 9.82
C ARG D 287 3.14 28.36 9.29
N LEU D 288 3.78 27.62 8.42
CA LEU D 288 3.19 26.41 7.86
C LEU D 288 3.69 25.20 8.62
N LEU D 289 2.77 24.36 9.06
CA LEU D 289 3.08 23.08 9.69
C LEU D 289 2.73 22.01 8.68
N LEU D 290 3.61 21.03 8.54
CA LEU D 290 3.46 19.97 7.56
C LEU D 290 3.35 18.64 8.30
N ALA D 291 2.30 17.88 8.03
CA ALA D 291 2.06 16.64 8.74
C ALA D 291 1.63 15.55 7.78
N GLY D 292 2.39 14.46 7.74
CA GLY D 292 2.05 13.36 6.85
C GLY D 292 1.35 12.24 7.60
N TYR D 293 0.31 11.69 6.99
CA TYR D 293 -0.64 10.86 7.72
C TYR D 293 -0.60 9.42 7.23
N ASP D 294 -1.40 8.57 7.89
CA ASP D 294 -1.51 7.17 7.52
C ASP D 294 -2.33 6.93 6.26
N ASP D 295 -3.20 7.87 5.88
CA ASP D 295 -4.01 7.71 4.69
C ASP D 295 -3.37 8.35 3.46
N PHE D 296 -2.04 8.25 3.38
CA PHE D 296 -1.19 8.61 2.23
C PHE D 296 -1.44 10.01 1.67
N ASN D 297 -1.72 10.98 2.53
CA ASN D 297 -1.64 12.36 2.11
C ASN D 297 -1.02 13.20 3.23
N CYS D 298 -0.52 14.37 2.86
CA CYS D 298 0.10 15.30 3.78
C CYS D 298 -0.69 16.59 3.78
N ASN D 299 -1.10 17.05 4.95
CA ASN D 299 -1.76 18.34 5.02
C ASN D 299 -0.76 19.44 5.28
N VAL D 300 -1.16 20.68 5.02
CA VAL D 300 -0.37 21.86 5.30
C VAL D 300 -1.15 22.70 6.30
N TRP D 301 -0.72 22.69 7.55
CA TRP D 301 -1.46 23.33 8.62
C TRP D 301 -0.93 24.73 8.86
N ASP D 302 -1.81 25.73 8.75
CA ASP D 302 -1.52 27.06 9.23
C ASP D 302 -1.32 26.99 10.74
N ALA D 303 -0.10 27.26 11.20
CA ALA D 303 0.25 26.96 12.58
C ALA D 303 -0.27 28.01 13.54
N LEU D 304 -0.89 29.08 13.03
CA LEU D 304 -1.48 30.07 13.93
C LEU D 304 -3.00 29.92 14.01
N LYS D 305 -3.60 29.19 13.07
CA LYS D 305 -5.05 29.22 12.92
C LYS D 305 -5.73 27.87 12.92
N ALA D 306 -4.97 26.77 12.78
CA ALA D 306 -5.51 25.40 12.61
C ALA D 306 -6.45 25.30 11.42
N ASP D 307 -6.12 26.00 10.34
CA ASP D 307 -6.80 25.84 9.07
C ASP D 307 -5.85 25.12 8.13
N ARG D 308 -6.31 24.03 7.53
CA ARG D 308 -5.45 23.36 6.56
C ARG D 308 -5.51 24.15 5.26
N ALA D 309 -4.35 24.65 4.84
CA ALA D 309 -4.31 25.52 3.67
C ALA D 309 -4.20 24.72 2.39
N GLY D 310 -3.43 23.64 2.41
CA GLY D 310 -3.26 22.83 1.23
C GLY D 310 -3.14 21.37 1.62
N VAL D 311 -3.38 20.51 0.65
CA VAL D 311 -3.31 19.07 0.85
C VAL D 311 -2.40 18.49 -0.21
N LEU D 312 -1.26 17.97 0.21
CA LEU D 312 -0.41 17.22 -0.68
C LEU D 312 -1.05 15.86 -0.97
N ALA D 313 -0.82 15.34 -2.16
CA ALA D 313 -1.36 14.05 -2.54
C ALA D 313 -0.35 13.37 -3.45
N GLY D 314 -0.70 12.21 -3.97
CA GLY D 314 0.17 11.55 -4.91
C GLY D 314 1.11 10.54 -4.31
N HIS D 315 0.89 10.12 -3.07
CA HIS D 315 1.51 8.91 -2.54
C HIS D 315 0.46 7.81 -2.49
N ASP D 316 0.89 6.59 -2.80
CA ASP D 316 -0.04 5.48 -2.83
C ASP D 316 -0.19 4.86 -1.45
N ASN D 317 0.90 4.70 -0.72
CA ASN D 317 0.89 4.09 0.61
C ASN D 317 1.34 5.13 1.62
N ARG D 318 1.28 4.76 2.90
CA ARG D 318 1.43 5.63 4.06
C ARG D 318 2.71 6.48 4.02
N VAL D 319 2.54 7.78 4.20
CA VAL D 319 3.65 8.73 4.24
C VAL D 319 4.40 8.52 5.56
N SER D 320 5.60 7.98 5.49
CA SER D 320 6.30 7.62 6.73
C SER D 320 7.21 8.73 7.22
N CYS D 321 7.79 9.52 6.31
CA CYS D 321 8.78 10.49 6.71
C CYS D 321 8.70 11.75 5.86
N LEU D 322 8.97 12.89 6.48
CA LEU D 322 9.09 14.13 5.75
C LEU D 322 10.01 15.09 6.49
N GLY D 323 10.33 16.20 5.85
CA GLY D 323 11.19 17.21 6.43
C GLY D 323 11.54 18.28 5.43
N VAL D 324 11.80 19.47 5.93
CA VAL D 324 11.96 20.67 5.11
C VAL D 324 13.43 21.03 5.08
N THR D 325 13.90 21.52 3.93
CA THR D 325 15.26 22.00 3.77
C THR D 325 15.58 23.13 4.74
N ASP D 326 16.85 23.25 5.11
CA ASP D 326 17.28 24.38 5.92
C ASP D 326 17.27 25.66 5.10
N ASP D 327 17.42 25.52 3.79
CA ASP D 327 17.18 26.63 2.86
C ASP D 327 15.72 27.06 2.90
N GLY D 328 14.83 26.15 3.28
CA GLY D 328 13.40 26.40 3.26
C GLY D 328 12.76 26.18 1.92
N MET D 329 13.49 25.59 0.98
CA MET D 329 13.06 25.62 -0.41
C MET D 329 12.08 24.50 -0.73
N ALA D 330 12.30 23.32 -0.15
CA ALA D 330 11.62 22.14 -0.66
C ALA D 330 11.24 21.20 0.48
N VAL D 331 10.22 20.38 0.21
CA VAL D 331 9.73 19.39 1.16
C VAL D 331 9.83 18.01 0.52
N ALA D 332 10.59 17.12 1.15
CA ALA D 332 10.73 15.76 0.68
C ALA D 332 9.87 14.86 1.53
N THR D 333 8.91 14.19 0.92
CA THR D 333 8.07 13.24 1.63
C THR D 333 8.34 11.86 1.12
N GLY D 334 8.70 10.96 2.02
CA GLY D 334 8.89 9.56 1.70
C GLY D 334 7.68 8.79 2.20
N SER D 335 7.43 7.64 1.58
CA SER D 335 6.28 6.86 1.94
C SER D 335 6.57 5.39 1.74
N TRP D 336 5.59 4.56 2.09
CA TRP D 336 5.79 3.12 2.03
C TRP D 336 5.68 2.55 0.63
N ASP D 337 5.36 3.37 -0.38
CA ASP D 337 5.37 2.88 -1.75
C ASP D 337 6.72 3.03 -2.43
N SER D 338 7.77 3.33 -1.66
CA SER D 338 9.17 3.46 -2.07
C SER D 338 9.42 4.64 -3.00
N PHE D 339 8.54 5.63 -3.05
CA PHE D 339 8.78 6.80 -3.88
C PHE D 339 8.85 8.02 -3.00
N LEU D 340 9.96 8.74 -3.10
CA LEU D 340 10.20 9.97 -2.36
C LEU D 340 9.95 11.13 -3.30
N LYS D 341 9.24 12.14 -2.82
CA LYS D 341 8.75 13.25 -3.65
C LYS D 341 9.27 14.56 -3.09
N ILE D 342 9.96 15.36 -3.90
CA ILE D 342 10.36 16.71 -3.51
C ILE D 342 9.22 17.66 -3.87
N TRP D 343 8.60 18.24 -2.85
CA TRP D 343 7.60 19.26 -3.10
C TRP D 343 8.28 20.61 -3.14
N ASN D 344 7.56 21.63 -3.59
CA ASN D 344 8.13 22.97 -3.72
C ASN D 344 7.02 23.99 -3.76
N SER E 8 9.71 0.69 44.09
CA SER E 8 8.96 0.76 45.34
C SER E 8 8.98 2.17 45.91
N ILE E 9 9.62 2.34 47.08
CA ILE E 9 9.63 3.64 47.73
C ILE E 9 10.57 4.60 47.01
N ALA E 10 11.68 4.07 46.46
CA ALA E 10 12.68 4.94 45.83
C ALA E 10 12.18 5.49 44.51
N GLN E 11 11.39 4.71 43.78
CA GLN E 11 10.79 5.18 42.54
C GLN E 11 9.79 6.30 42.80
N ALA E 12 8.99 6.16 43.86
CA ALA E 12 8.02 7.18 44.20
C ALA E 12 8.71 8.44 44.71
N ARG E 13 9.82 8.29 45.44
CA ARG E 13 10.63 9.44 45.86
C ARG E 13 11.21 10.17 44.65
N LYS E 14 11.66 9.41 43.64
CA LYS E 14 12.22 10.04 42.44
C LYS E 14 11.14 10.75 41.65
N LEU E 15 9.94 10.19 41.57
CA LEU E 15 8.84 10.85 40.87
C LEU E 15 8.39 12.11 41.59
N VAL E 16 8.34 12.07 42.93
CA VAL E 16 7.99 13.25 43.70
C VAL E 16 9.06 14.33 43.57
N GLU E 17 10.34 13.93 43.55
CA GLU E 17 11.42 14.90 43.40
C GLU E 17 11.41 15.54 42.02
N GLN E 18 11.10 14.74 40.98
CA GLN E 18 11.02 15.27 39.63
C GLN E 18 9.84 16.23 39.47
N LEU E 19 8.68 15.87 40.03
CA LEU E 19 7.53 16.76 39.97
C LEU E 19 7.74 18.02 40.80
N LYS E 20 8.50 17.91 41.89
CA LYS E 20 8.79 19.05 42.73
C LYS E 20 9.77 20.01 42.03
N MET E 21 10.73 19.46 41.31
CA MET E 21 11.66 20.30 40.55
C MET E 21 10.94 20.94 39.36
N GLU E 22 9.99 20.22 38.76
CA GLU E 22 9.25 20.77 37.62
C GLU E 22 8.22 21.80 38.07
N ALA E 23 7.77 21.72 39.32
CA ALA E 23 6.68 22.58 39.78
C ALA E 23 7.12 24.02 39.96
N ASN E 24 8.29 24.23 40.57
CA ASN E 24 8.76 25.58 40.90
C ASN E 24 9.61 26.11 39.75
N ILE E 25 8.96 26.30 38.61
CA ILE E 25 9.54 26.85 37.39
C ILE E 25 8.70 28.05 36.98
N ASP E 26 9.35 29.20 36.76
CA ASP E 26 8.63 30.42 36.40
C ASP E 26 8.08 30.31 34.98
N ARG E 27 6.84 30.75 34.80
CA ARG E 27 6.11 30.56 33.55
C ARG E 27 5.69 31.90 32.99
N ILE E 28 5.83 32.05 31.67
CA ILE E 28 5.39 33.25 30.98
C ILE E 28 3.88 33.17 30.78
N LYS E 29 3.24 34.32 30.61
CA LYS E 29 1.83 34.31 30.28
C LYS E 29 1.64 33.92 28.82
N VAL E 30 0.46 33.40 28.50
CA VAL E 30 0.24 32.77 27.21
C VAL E 30 0.06 33.81 26.11
N SER E 31 -0.44 35.00 26.48
CA SER E 31 -0.59 36.06 25.49
C SER E 31 0.77 36.59 25.04
N LYS E 32 1.75 36.60 25.94
CA LYS E 32 3.10 37.01 25.57
C LYS E 32 3.76 35.99 24.65
N ALA E 33 3.54 34.70 24.91
CA ALA E 33 4.08 33.67 24.03
C ALA E 33 3.38 33.67 22.69
N ALA E 34 2.08 34.00 22.68
CA ALA E 34 1.34 34.19 21.43
C ALA E 34 1.93 35.33 20.63
N ALA E 35 2.23 36.45 21.29
CA ALA E 35 2.83 37.60 20.62
C ALA E 35 4.23 37.27 20.11
N ASP E 36 4.95 36.42 20.82
CA ASP E 36 6.30 36.07 20.38
C ASP E 36 6.27 35.14 19.17
N LEU E 37 5.36 34.16 19.18
CA LEU E 37 5.17 33.29 18.01
C LEU E 37 4.73 34.09 16.78
N MET E 38 3.75 34.99 16.98
CA MET E 38 3.28 35.89 15.94
C MET E 38 4.41 36.78 15.41
N ALA E 39 5.24 37.32 16.30
CA ALA E 39 6.32 38.21 15.88
C ALA E 39 7.39 37.46 15.11
N TYR E 40 7.68 36.21 15.50
CA TYR E 40 8.65 35.43 14.74
C TYR E 40 8.12 35.05 13.37
N CYS E 41 6.80 34.84 13.26
CA CYS E 41 6.25 34.56 11.95
C CYS E 41 6.31 35.79 11.05
N GLU E 42 6.00 36.97 11.60
CA GLU E 42 6.02 38.19 10.79
C GLU E 42 7.45 38.60 10.43
N ALA E 43 8.41 38.32 11.30
CA ALA E 43 9.79 38.77 11.06
C ALA E 43 10.47 37.93 9.99
N HIS E 44 10.05 36.69 9.80
CA HIS E 44 10.68 35.81 8.83
C HIS E 44 9.73 35.31 7.76
N ALA E 45 8.57 35.94 7.58
CA ALA E 45 7.67 35.56 6.49
C ALA E 45 8.25 35.89 5.11
N LYS E 46 9.19 36.84 5.04
CA LYS E 46 9.63 37.31 3.72
C LYS E 46 10.53 36.30 3.03
N GLU E 47 11.49 35.72 3.73
CA GLU E 47 12.41 34.78 3.12
C GLU E 47 11.99 33.32 3.25
N ASP E 48 10.69 33.05 3.29
CA ASP E 48 10.19 31.67 3.30
C ASP E 48 9.79 31.31 1.88
N PRO E 49 10.39 30.29 1.27
CA PRO E 49 10.01 29.92 -0.10
C PRO E 49 8.68 29.20 -0.22
N LEU E 50 8.14 28.67 0.87
CA LEU E 50 6.89 27.93 0.78
C LEU E 50 5.67 28.83 0.97
N LEU E 51 5.70 29.70 1.99
CA LEU E 51 4.64 30.67 2.17
C LEU E 51 4.62 31.67 1.04
N THR E 52 5.79 32.19 0.67
CA THR E 52 5.94 33.15 -0.41
C THR E 52 6.41 32.39 -1.64
N PRO E 53 5.57 32.25 -2.67
CA PRO E 53 6.00 31.50 -3.86
C PRO E 53 7.10 32.21 -4.61
N VAL E 54 8.02 31.42 -5.14
CA VAL E 54 9.29 31.92 -5.68
C VAL E 54 9.19 31.94 -7.20
N PRO E 55 9.67 33.00 -7.87
CA PRO E 55 9.74 33.00 -9.33
C PRO E 55 10.69 31.93 -9.85
N ALA E 56 10.44 31.50 -11.09
CA ALA E 56 11.03 30.25 -11.59
C ALA E 56 12.53 30.38 -11.86
N SER E 57 13.04 31.60 -11.93
CA SER E 57 14.48 31.78 -12.04
C SER E 57 15.19 31.40 -10.74
N GLU E 58 14.59 31.73 -9.61
CA GLU E 58 15.24 31.49 -8.33
C GLU E 58 14.91 30.10 -7.80
N ASN E 59 13.77 29.53 -8.22
CA ASN E 59 13.44 28.15 -7.86
C ASN E 59 14.44 27.18 -8.48
N PRO E 60 15.08 26.34 -7.68
CA PRO E 60 16.08 25.42 -8.25
C PRO E 60 15.46 24.22 -8.95
N PHE E 61 14.24 23.85 -8.58
CA PHE E 61 13.68 22.58 -9.01
C PHE E 61 12.80 22.74 -10.25
#